data_7XUX
#
_entry.id   7XUX
#
_cell.length_a   115.464
_cell.length_b   282.767
_cell.length_c   73.571
_cell.angle_alpha   90.00
_cell.angle_beta   90.00
_cell.angle_gamma   90.00
#
_symmetry.space_group_name_H-M   'C 2 2 2'
#
_entity_poly.entity_id   1
_entity_poly.type   'polypeptide(L)'
_entity_poly.pdbx_seq_one_letter_code
;MPKFNHYDLALLNPSFDSPLVDALTELELLRHLRLETDVHPLLFAQLKSIFHMLESLGSARIEGNHTTLADYVESKVEGA
EDSTDQLKEIGNIEHAMNFIDEHLHAGEDITEYFVRELHAMTVNGLEREGDKTPGAYRSHGVSIAQSTHLPPEFIHVPAY
MQELVGFMNRADAPKYDLMKVALAHHRFGWIHPFGNGNGRTVRLLTYSLLIKYGFNVKTSGRVLNPTAVFCNDRERYYSM
LAEADTGAVEGLEQWCLYVLTGISAELKKVDKLSDLHFLNSKVLYPALEYSKGRGVINETESKILKRTISQGTVKTSDLK
EVLPGLKPAQITYQIGKLVDRGLLQPVEVGSRIYTAGFSKSDLMRGVIHALRKEGFIPDF
;
_entity_poly.pdbx_strand_id   A,B
#
# COMPACT_ATOMS: atom_id res chain seq x y z
N PRO A 2 -43.22 12.51 -13.77
CA PRO A 2 -41.85 12.46 -14.31
C PRO A 2 -41.50 13.72 -15.08
N LYS A 3 -40.25 14.18 -14.94
CA LYS A 3 -39.82 15.38 -15.62
C LYS A 3 -38.30 15.35 -15.77
N PHE A 4 -37.83 15.92 -16.87
CA PHE A 4 -36.39 16.06 -17.11
C PHE A 4 -35.94 17.41 -16.56
N ASN A 5 -35.10 17.38 -15.53
CA ASN A 5 -34.46 18.57 -14.99
C ASN A 5 -32.99 18.55 -15.41
N HIS A 6 -32.53 19.65 -16.01
CA HIS A 6 -31.12 19.72 -16.39
C HIS A 6 -30.24 19.66 -15.15
N TYR A 7 -29.02 19.16 -15.33
CA TYR A 7 -28.13 18.91 -14.21
C TYR A 7 -26.70 18.91 -14.73
N ASP A 8 -25.85 19.75 -14.13
CA ASP A 8 -24.51 19.98 -14.65
C ASP A 8 -23.54 18.91 -14.18
N LEU A 9 -22.84 18.28 -15.12
CA LEU A 9 -21.87 17.25 -14.80
C LEU A 9 -20.57 17.90 -14.33
N ALA A 10 -20.18 17.62 -13.09
CA ALA A 10 -18.98 18.21 -12.51
C ALA A 10 -18.49 17.33 -11.37
N LEU A 11 -17.26 17.58 -10.95
CA LEU A 11 -16.67 16.87 -9.83
C LEU A 11 -17.15 17.46 -8.51
N LEU A 12 -17.36 16.58 -7.53
CA LEU A 12 -17.76 17.04 -6.21
C LEU A 12 -16.53 17.57 -5.46
N ASN A 13 -16.81 18.22 -4.32
CA ASN A 13 -15.74 18.79 -3.48
C ASN A 13 -16.19 18.77 -2.03
N PRO A 14 -16.21 17.60 -1.39
CA PRO A 14 -16.58 17.53 0.02
C PRO A 14 -15.42 17.93 0.93
N SER A 15 -15.77 18.19 2.18
CA SER A 15 -14.77 18.58 3.16
C SER A 15 -14.11 17.35 3.77
N PHE A 16 -13.01 17.60 4.49
CA PHE A 16 -12.21 16.51 5.05
C PHE A 16 -13.00 15.68 6.06
N ASP A 17 -13.93 16.30 6.78
CA ASP A 17 -14.70 15.59 7.79
C ASP A 17 -15.84 14.75 7.21
N SER A 18 -15.95 14.68 5.89
CA SER A 18 -17.09 13.99 5.30
C SER A 18 -16.85 12.48 5.25
N PRO A 19 -17.91 11.69 5.34
CA PRO A 19 -17.76 10.23 5.13
C PRO A 19 -17.33 9.88 3.71
N LEU A 20 -17.59 10.76 2.74
CA LEU A 20 -17.18 10.49 1.37
C LEU A 20 -15.66 10.54 1.24
N VAL A 21 -15.00 11.48 1.93
CA VAL A 21 -13.55 11.53 1.94
C VAL A 21 -12.98 10.27 2.58
N ASP A 22 -13.66 9.73 3.60
CA ASP A 22 -13.22 8.49 4.21
C ASP A 22 -13.23 7.35 3.20
N ALA A 23 -14.33 7.19 2.47
CA ALA A 23 -14.40 6.14 1.46
C ALA A 23 -13.44 6.40 0.30
N LEU A 24 -13.19 7.68 -0.02
CA LEU A 24 -12.29 8.01 -1.11
C LEU A 24 -10.86 7.59 -0.77
N THR A 25 -10.40 7.94 0.43
CA THR A 25 -9.06 7.55 0.85
C THR A 25 -8.98 6.04 1.11
N GLU A 26 -10.06 5.46 1.64
CA GLU A 26 -10.11 4.02 1.85
C GLU A 26 -9.87 3.26 0.55
N LEU A 27 -10.46 3.74 -0.55
CA LEU A 27 -10.25 3.10 -1.85
C LEU A 27 -8.87 3.40 -2.41
N GLU A 28 -8.32 4.58 -2.09
CA GLU A 28 -6.99 4.93 -2.60
C GLU A 28 -5.89 4.09 -1.99
N LEU A 29 -6.14 3.46 -0.84
CA LEU A 29 -5.17 2.50 -0.30
C LEU A 29 -5.06 1.28 -1.18
N LEU A 30 -6.19 0.82 -1.73
CA LEU A 30 -6.24 -0.42 -2.49
C LEU A 30 -5.94 -0.22 -3.97
N ARG A 31 -6.21 0.98 -4.50
CA ARG A 31 -5.79 1.29 -5.86
C ARG A 31 -4.27 1.34 -5.98
N HIS A 32 -3.57 1.62 -4.88
CA HIS A 32 -2.12 1.76 -4.89
C HIS A 32 -1.43 0.65 -4.10
N LEU A 33 -2.15 -0.39 -3.69
CA LEU A 33 -1.53 -1.52 -3.01
C LEU A 33 -0.89 -2.44 -4.04
N ARG A 34 0.44 -2.55 -4.00
CA ARG A 34 1.20 -3.35 -4.96
C ARG A 34 1.33 -4.78 -4.44
N LEU A 35 0.19 -5.47 -4.41
CA LEU A 35 0.12 -6.84 -3.90
C LEU A 35 1.02 -7.77 -4.70
N GLU A 36 2.07 -8.27 -4.07
CA GLU A 36 2.96 -9.24 -4.71
C GLU A 36 2.32 -10.62 -4.67
N THR A 37 2.27 -11.28 -5.82
CA THR A 37 1.58 -12.55 -5.96
C THR A 37 2.53 -13.64 -6.43
N ASP A 38 2.26 -14.86 -5.98
CA ASP A 38 2.94 -16.05 -6.46
C ASP A 38 2.11 -16.79 -7.50
N VAL A 39 0.90 -16.32 -7.79
CA VAL A 39 0.05 -16.98 -8.77
C VAL A 39 0.61 -16.74 -10.17
N HIS A 40 0.69 -17.80 -10.96
CA HIS A 40 1.18 -17.68 -12.32
C HIS A 40 0.20 -16.86 -13.15
N PRO A 41 0.68 -15.89 -13.94
CA PRO A 41 -0.25 -15.10 -14.76
C PRO A 41 -1.05 -15.93 -15.75
N LEU A 42 -0.45 -17.00 -16.29
CA LEU A 42 -1.18 -17.84 -17.23
C LEU A 42 -2.29 -18.63 -16.52
N LEU A 43 -2.04 -19.05 -15.28
CA LEU A 43 -3.09 -19.68 -14.49
C LEU A 43 -4.19 -18.67 -14.16
N PHE A 44 -3.81 -17.45 -13.77
CA PHE A 44 -4.81 -16.44 -13.43
C PHE A 44 -5.66 -16.07 -14.64
N ALA A 45 -5.12 -16.23 -15.86
CA ALA A 45 -5.90 -15.95 -17.05
C ALA A 45 -7.14 -16.84 -17.13
N GLN A 46 -7.06 -18.06 -16.63
CA GLN A 46 -8.22 -18.94 -16.61
C GLN A 46 -9.25 -18.49 -15.59
N LEU A 47 -8.81 -18.10 -14.40
CA LEU A 47 -9.72 -17.57 -13.40
C LEU A 47 -10.31 -16.23 -13.81
N LYS A 48 -9.63 -15.49 -14.69
CA LYS A 48 -10.14 -14.20 -15.14
C LYS A 48 -11.45 -14.38 -15.92
N SER A 49 -11.49 -15.36 -16.83
CA SER A 49 -12.69 -15.57 -17.63
C SER A 49 -13.82 -16.22 -16.85
N ILE A 50 -13.52 -16.89 -15.74
CA ILE A 50 -14.58 -17.41 -14.88
C ILE A 50 -15.31 -16.27 -14.19
N PHE A 51 -14.56 -15.25 -13.74
CA PHE A 51 -15.21 -14.09 -13.14
C PHE A 51 -15.89 -13.23 -14.19
N HIS A 52 -15.43 -13.28 -15.44
CA HIS A 52 -16.17 -12.68 -16.54
C HIS A 52 -17.51 -13.38 -16.72
N MET A 53 -17.53 -14.71 -16.56
CA MET A 53 -18.76 -15.47 -16.64
C MET A 53 -19.77 -14.99 -15.60
N LEU A 54 -19.31 -14.75 -14.36
CA LEU A 54 -20.22 -14.39 -13.29
C LEU A 54 -20.80 -13.00 -13.48
N GLU A 55 -19.96 -12.03 -13.86
CA GLU A 55 -20.46 -10.69 -14.09
C GLU A 55 -21.42 -10.64 -15.28
N SER A 56 -21.12 -11.39 -16.34
CA SER A 56 -22.00 -11.40 -17.50
C SER A 56 -23.36 -11.99 -17.15
N LEU A 57 -23.38 -13.03 -16.30
CA LEU A 57 -24.66 -13.58 -15.85
C LEU A 57 -25.34 -12.65 -14.85
N GLY A 58 -24.55 -11.97 -14.02
CA GLY A 58 -25.13 -11.03 -13.07
C GLY A 58 -25.68 -9.79 -13.75
N SER A 59 -24.93 -9.24 -14.71
CA SER A 59 -25.42 -8.08 -15.45
C SER A 59 -26.65 -8.41 -16.28
N ALA A 60 -26.74 -9.65 -16.78
CA ALA A 60 -27.91 -10.05 -17.56
C ALA A 60 -29.11 -10.32 -16.67
N ARG A 61 -28.89 -10.92 -15.50
CA ARG A 61 -30.00 -11.25 -14.61
C ARG A 61 -30.66 -10.00 -14.04
N ILE A 62 -29.92 -8.88 -13.94
CA ILE A 62 -30.51 -7.63 -13.47
C ILE A 62 -31.61 -7.18 -14.42
N GLU A 63 -31.39 -7.33 -15.73
CA GLU A 63 -32.33 -6.85 -16.74
C GLU A 63 -33.30 -7.93 -17.20
N GLY A 64 -33.56 -8.94 -16.37
CA GLY A 64 -34.64 -9.87 -16.61
C GLY A 64 -34.23 -11.25 -17.13
N ASN A 65 -32.96 -11.46 -17.44
CA ASN A 65 -32.54 -12.78 -17.90
C ASN A 65 -32.73 -13.80 -16.79
N HIS A 66 -33.22 -14.99 -17.16
CA HIS A 66 -33.64 -15.99 -16.19
C HIS A 66 -32.77 -17.23 -16.16
N THR A 67 -31.80 -17.36 -17.06
CA THR A 67 -30.94 -18.53 -17.05
C THR A 67 -30.11 -18.56 -15.77
N THR A 68 -29.97 -19.76 -15.20
CA THR A 68 -29.24 -19.93 -13.96
C THR A 68 -27.77 -20.22 -14.23
N LEU A 69 -26.96 -20.19 -13.16
CA LEU A 69 -25.54 -20.45 -13.31
C LEU A 69 -25.27 -21.87 -13.76
N ALA A 70 -26.03 -22.84 -13.24
CA ALA A 70 -25.84 -24.23 -13.65
C ALA A 70 -26.19 -24.41 -15.12
N ASP A 71 -27.24 -23.74 -15.59
CA ASP A 71 -27.61 -23.83 -17.01
C ASP A 71 -26.50 -23.27 -17.89
N TYR A 72 -25.89 -22.15 -17.47
CA TYR A 72 -24.89 -21.51 -18.30
C TYR A 72 -23.61 -22.33 -18.36
N VAL A 73 -23.19 -22.91 -17.22
CA VAL A 73 -22.00 -23.76 -17.20
C VAL A 73 -22.18 -24.94 -18.14
N GLU A 74 -23.38 -25.54 -18.13
CA GLU A 74 -23.66 -26.67 -19.01
C GLU A 74 -23.62 -26.30 -20.49
N SER A 75 -23.75 -25.01 -20.81
CA SER A 75 -23.68 -24.59 -22.20
C SER A 75 -22.24 -24.37 -22.67
N LYS A 76 -21.33 -24.08 -21.75
CA LYS A 76 -19.93 -23.84 -22.10
C LYS A 76 -19.13 -25.14 -22.15
N VAL A 77 -19.13 -25.90 -21.04
CA VAL A 77 -18.36 -27.14 -20.98
C VAL A 77 -18.85 -28.12 -22.04
N GLU A 78 -20.14 -28.42 -22.05
CA GLU A 78 -20.73 -29.33 -23.02
C GLU A 78 -21.39 -28.55 -24.14
N GLY A 79 -22.13 -29.25 -24.99
CA GLY A 79 -22.75 -28.65 -26.15
C GLY A 79 -21.76 -27.85 -26.97
N ALA A 80 -22.04 -26.56 -27.14
CA ALA A 80 -21.10 -25.69 -27.84
C ALA A 80 -21.37 -24.22 -27.55
N GLU A 81 -22.48 -23.69 -28.07
CA GLU A 81 -22.66 -22.25 -28.18
C GLU A 81 -23.98 -21.81 -27.56
N ASP A 82 -24.42 -20.61 -27.95
CA ASP A 82 -25.59 -19.93 -27.40
C ASP A 82 -26.71 -19.99 -28.44
N SER A 83 -27.51 -21.06 -28.37
CA SER A 83 -28.64 -21.21 -29.29
C SER A 83 -29.80 -20.32 -28.88
N THR A 84 -30.18 -20.39 -27.61
CA THR A 84 -31.29 -19.57 -27.11
C THR A 84 -30.88 -18.10 -27.08
N ASP A 85 -31.84 -17.23 -27.44
CA ASP A 85 -31.59 -15.79 -27.39
C ASP A 85 -31.20 -15.34 -25.99
N GLN A 86 -31.69 -16.03 -24.97
CA GLN A 86 -31.29 -15.69 -23.60
C GLN A 86 -29.81 -15.99 -23.40
N LEU A 87 -29.37 -17.21 -23.78
CA LEU A 87 -27.96 -17.56 -23.69
C LEU A 87 -27.08 -16.55 -24.41
N LYS A 88 -27.51 -16.09 -25.59
CA LYS A 88 -26.72 -15.12 -26.35
C LYS A 88 -26.57 -13.81 -25.58
N GLU A 89 -27.54 -13.48 -24.73
CA GLU A 89 -27.47 -12.22 -23.98
C GLU A 89 -26.29 -12.23 -23.01
N ILE A 90 -26.03 -13.37 -22.36
CA ILE A 90 -24.88 -13.45 -21.49
C ILE A 90 -23.60 -13.58 -22.30
N GLY A 91 -23.65 -14.32 -23.41
CA GLY A 91 -22.45 -14.49 -24.22
C GLY A 91 -21.96 -13.21 -24.85
N ASN A 92 -22.89 -12.32 -25.20
CA ASN A 92 -22.51 -11.03 -25.76
C ASN A 92 -21.71 -10.21 -24.76
N ILE A 93 -22.16 -10.18 -23.51
CA ILE A 93 -21.45 -9.43 -22.47
C ILE A 93 -20.08 -10.04 -22.22
N GLU A 94 -20.03 -11.37 -22.12
CA GLU A 94 -18.75 -12.05 -21.87
C GLU A 94 -17.75 -11.77 -22.98
N HIS A 95 -18.22 -11.74 -24.23
CA HIS A 95 -17.32 -11.40 -25.34
C HIS A 95 -16.87 -9.95 -25.25
N ALA A 96 -17.79 -9.03 -24.95
CA ALA A 96 -17.43 -7.63 -24.78
C ALA A 96 -16.51 -7.44 -23.58
N MET A 97 -16.64 -8.30 -22.56
CA MET A 97 -15.72 -8.23 -21.41
C MET A 97 -14.29 -8.53 -21.85
N ASN A 98 -14.10 -9.58 -22.63
CA ASN A 98 -12.77 -9.91 -23.13
C ASN A 98 -12.25 -8.84 -24.08
N PHE A 99 -13.14 -8.16 -24.80
CA PHE A 99 -12.72 -7.09 -25.69
C PHE A 99 -12.07 -5.95 -24.93
N ILE A 100 -12.72 -5.47 -23.87
CA ILE A 100 -12.15 -4.39 -23.06
C ILE A 100 -10.81 -4.81 -22.49
N ASP A 101 -10.67 -6.09 -22.15
CA ASP A 101 -9.38 -6.59 -21.65
C ASP A 101 -8.31 -6.51 -22.73
N GLU A 102 -8.67 -6.79 -23.97
CA GLU A 102 -7.70 -6.83 -25.06
C GLU A 102 -7.42 -5.47 -25.69
N HIS A 103 -8.35 -4.52 -25.58
CA HIS A 103 -8.29 -3.28 -26.35
C HIS A 103 -8.30 -2.01 -25.51
N LEU A 104 -8.16 -2.12 -24.20
CA LEU A 104 -8.14 -0.94 -23.34
C LEU A 104 -7.15 -1.16 -22.20
N HIS A 105 -6.24 -0.19 -22.02
CA HIS A 105 -5.21 -0.27 -20.99
C HIS A 105 -5.27 0.97 -20.12
N ALA A 106 -4.51 0.97 -19.05
CA ALA A 106 -4.56 2.09 -18.14
C ALA A 106 -4.16 3.38 -18.77
N GLY A 107 -4.88 4.44 -18.46
CA GLY A 107 -4.55 5.74 -18.97
C GLY A 107 -5.03 6.00 -20.35
N GLU A 108 -5.29 4.95 -21.09
CA GLU A 108 -5.69 5.12 -22.45
C GLU A 108 -7.04 5.81 -22.45
N ASP A 109 -7.40 6.41 -23.56
CA ASP A 109 -8.64 7.18 -23.60
C ASP A 109 -9.84 6.36 -24.00
N ILE A 110 -10.97 6.67 -23.41
CA ILE A 110 -12.23 6.00 -23.70
C ILE A 110 -12.99 6.89 -24.68
N THR A 111 -13.00 6.51 -25.95
CA THR A 111 -13.62 7.32 -26.97
C THR A 111 -15.13 7.05 -27.03
N GLU A 112 -15.84 7.92 -27.75
CA GLU A 112 -17.27 7.71 -27.96
C GLU A 112 -17.53 6.50 -28.84
N TYR A 113 -16.60 6.19 -29.74
CA TYR A 113 -16.74 4.98 -30.55
C TYR A 113 -16.54 3.72 -29.71
N PHE A 114 -15.71 3.81 -28.66
CA PHE A 114 -15.53 2.66 -27.77
C PHE A 114 -16.83 2.32 -27.05
N VAL A 115 -17.50 3.34 -26.50
CA VAL A 115 -18.77 3.11 -25.81
C VAL A 115 -19.82 2.61 -26.79
N ARG A 116 -19.80 3.11 -28.03
CA ARG A 116 -20.75 2.65 -29.03
C ARG A 116 -20.49 1.21 -29.41
N GLU A 117 -19.22 0.80 -29.48
CA GLU A 117 -18.90 -0.59 -29.76
C GLU A 117 -19.29 -1.50 -28.60
N LEU A 118 -19.21 -0.99 -27.36
CA LEU A 118 -19.69 -1.75 -26.22
C LEU A 118 -21.17 -2.07 -26.36
N HIS A 119 -21.95 -1.12 -26.87
CA HIS A 119 -23.37 -1.36 -27.09
C HIS A 119 -23.61 -2.28 -28.28
N ALA A 120 -22.77 -2.16 -29.32
CA ALA A 120 -22.95 -2.98 -30.51
C ALA A 120 -22.74 -4.46 -30.21
N MET A 121 -21.74 -4.77 -29.39
CA MET A 121 -21.53 -6.16 -28.99
C MET A 121 -22.60 -6.63 -28.02
N THR A 122 -23.12 -5.72 -27.19
CA THR A 122 -24.11 -6.10 -26.18
C THR A 122 -25.37 -6.66 -26.82
N VAL A 123 -25.84 -6.04 -27.90
CA VAL A 123 -27.09 -6.41 -28.55
C VAL A 123 -26.86 -7.04 -29.91
N ASN A 124 -25.65 -7.54 -30.17
CA ASN A 124 -25.34 -8.17 -31.44
C ASN A 124 -26.13 -9.46 -31.59
N GLY A 125 -26.91 -9.56 -32.67
CA GLY A 125 -27.72 -10.73 -32.91
C GLY A 125 -29.04 -10.78 -32.18
N LEU A 126 -29.30 -9.81 -31.30
CA LEU A 126 -30.56 -9.80 -30.56
C LEU A 126 -31.42 -8.61 -31.00
N THR A 133 -29.38 0.51 -35.59
CA THR A 133 -29.66 0.68 -34.19
C THR A 133 -28.51 0.22 -33.28
N PRO A 134 -27.84 -0.90 -33.59
CA PRO A 134 -26.59 -1.24 -32.86
C PRO A 134 -25.53 -0.16 -33.03
N GLY A 135 -25.00 0.33 -31.91
CA GLY A 135 -24.01 1.41 -31.93
C GLY A 135 -24.59 2.67 -32.53
N ALA A 136 -25.81 3.00 -32.12
CA ALA A 136 -26.51 4.18 -32.63
C ALA A 136 -27.39 4.72 -31.52
N TYR A 137 -27.53 6.05 -31.49
CA TYR A 137 -28.18 6.68 -30.36
C TYR A 137 -29.69 6.67 -30.52
N ARG A 138 -30.36 6.95 -29.40
CA ARG A 138 -31.82 7.00 -29.35
C ARG A 138 -32.36 7.98 -30.39
N SER A 139 -33.37 7.53 -31.12
CA SER A 139 -34.23 8.42 -31.90
C SER A 139 -35.60 8.60 -31.27
N HIS A 140 -35.92 7.80 -30.25
CA HIS A 140 -37.17 7.87 -29.48
C HIS A 140 -38.41 8.07 -30.36
N THR A 148 -40.25 9.83 -10.86
CA THR A 148 -39.19 9.29 -11.70
C THR A 148 -38.56 10.42 -12.52
N HIS A 149 -37.46 10.12 -13.20
CA HIS A 149 -36.72 11.08 -14.00
C HIS A 149 -36.93 10.80 -15.48
N LEU A 150 -37.17 11.86 -16.26
CA LEU A 150 -37.34 11.72 -17.70
C LEU A 150 -36.00 11.90 -18.40
N PRO A 151 -35.58 10.95 -19.25
CA PRO A 151 -34.35 11.15 -19.99
C PRO A 151 -34.48 12.30 -20.96
N PRO A 152 -33.39 12.98 -21.29
CA PRO A 152 -33.48 14.12 -22.20
C PRO A 152 -33.93 13.71 -23.59
N GLU A 153 -34.40 14.69 -24.36
CA GLU A 153 -34.84 14.43 -25.71
C GLU A 153 -33.69 13.85 -26.54
N PHE A 154 -34.06 13.00 -27.50
CA PHE A 154 -33.06 12.27 -28.27
C PHE A 154 -32.14 13.21 -29.05
N ILE A 155 -32.61 14.42 -29.37
CA ILE A 155 -31.77 15.37 -30.08
C ILE A 155 -30.65 15.89 -29.21
N HIS A 156 -30.75 15.75 -27.89
CA HIS A 156 -29.72 16.22 -26.96
C HIS A 156 -28.75 15.12 -26.54
N VAL A 157 -29.06 13.86 -26.83
CA VAL A 157 -28.16 12.77 -26.45
C VAL A 157 -26.77 12.93 -27.06
N PRO A 158 -26.60 13.27 -28.34
CA PRO A 158 -25.23 13.39 -28.88
C PRO A 158 -24.36 14.37 -28.11
N ALA A 159 -24.89 15.56 -27.76
CA ALA A 159 -24.10 16.53 -27.02
C ALA A 159 -23.81 16.05 -25.61
N TYR A 160 -24.72 15.28 -25.01
CA TYR A 160 -24.50 14.79 -23.65
C TYR A 160 -23.45 13.69 -23.61
N MET A 161 -23.38 12.85 -24.65
CA MET A 161 -22.37 11.80 -24.67
C MET A 161 -20.98 12.37 -24.97
N GLN A 162 -20.90 13.35 -25.87
CA GLN A 162 -19.63 14.03 -26.10
C GLN A 162 -19.15 14.73 -24.84
N GLU A 163 -20.07 15.19 -24.00
CA GLU A 163 -19.68 15.83 -22.74
C GLU A 163 -19.21 14.80 -21.72
N LEU A 164 -19.82 13.62 -21.71
CA LEU A 164 -19.43 12.59 -20.74
C LEU A 164 -18.07 12.00 -21.07
N VAL A 165 -17.77 11.82 -22.37
CA VAL A 165 -16.51 11.23 -22.77
C VAL A 165 -15.35 12.16 -22.44
N GLY A 166 -15.51 13.46 -22.71
CA GLY A 166 -14.48 14.42 -22.33
C GLY A 166 -14.31 14.51 -20.82
N PHE A 167 -15.38 14.24 -20.07
CA PHE A 167 -15.27 14.21 -18.61
C PHE A 167 -14.46 13.01 -18.13
N MET A 168 -14.70 11.84 -18.72
CA MET A 168 -13.95 10.65 -18.32
C MET A 168 -12.49 10.74 -18.74
N ASN A 169 -12.20 11.43 -19.83
CA ASN A 169 -10.85 11.49 -20.38
C ASN A 169 -10.09 12.75 -19.96
N ARG A 170 -10.73 13.65 -19.21
CA ARG A 170 -10.04 14.84 -18.74
C ARG A 170 -8.91 14.46 -17.80
N ALA A 171 -7.79 15.18 -17.91
CA ALA A 171 -6.63 14.93 -17.06
C ALA A 171 -6.80 15.47 -15.65
N ASP A 172 -7.97 15.31 -15.06
CA ASP A 172 -8.19 15.74 -13.69
C ASP A 172 -7.37 14.88 -12.73
N ALA A 173 -7.16 15.41 -11.53
CA ALA A 173 -6.21 14.82 -10.60
C ALA A 173 -6.56 13.36 -10.32
N PRO A 174 -5.55 12.48 -10.18
CA PRO A 174 -5.84 11.06 -9.94
C PRO A 174 -6.66 10.79 -8.69
N LYS A 175 -6.74 11.74 -7.76
CA LYS A 175 -7.66 11.58 -6.63
C LYS A 175 -9.11 11.59 -7.08
N TYR A 176 -9.42 12.20 -8.21
CA TYR A 176 -10.77 12.29 -8.74
C TYR A 176 -11.19 11.06 -9.53
N ASP A 177 -10.27 10.12 -9.76
CA ASP A 177 -10.55 8.99 -10.65
C ASP A 177 -11.71 8.14 -10.13
N LEU A 178 -11.70 7.86 -8.82
CA LEU A 178 -12.70 6.96 -8.25
C LEU A 178 -14.07 7.64 -8.22
N MET A 179 -14.11 8.93 -7.93
CA MET A 179 -15.37 9.66 -8.00
C MET A 179 -15.87 9.76 -9.44
N LYS A 180 -14.95 9.84 -10.41
CA LYS A 180 -15.36 9.87 -11.81
C LYS A 180 -16.04 8.57 -12.22
N VAL A 181 -15.68 7.45 -11.60
CA VAL A 181 -16.33 6.18 -11.91
C VAL A 181 -17.80 6.23 -11.49
N ALA A 182 -18.06 6.72 -10.28
CA ALA A 182 -19.44 6.81 -9.81
C ALA A 182 -20.23 7.85 -10.58
N LEU A 183 -19.63 9.02 -10.83
CA LEU A 183 -20.32 10.08 -11.55
C LEU A 183 -20.67 9.66 -12.98
N ALA A 184 -19.72 9.05 -13.68
CA ALA A 184 -19.98 8.63 -15.06
C ALA A 184 -21.02 7.52 -15.10
N HIS A 185 -21.04 6.63 -14.11
CA HIS A 185 -22.03 5.55 -14.10
C HIS A 185 -23.44 6.10 -13.97
N HIS A 186 -23.64 7.11 -13.12
CA HIS A 186 -24.96 7.67 -12.93
C HIS A 186 -25.39 8.50 -14.13
N ARG A 187 -24.48 9.35 -14.64
CA ARG A 187 -24.83 10.24 -15.74
C ARG A 187 -25.17 9.46 -17.01
N PHE A 188 -24.50 8.33 -17.24
CA PHE A 188 -24.78 7.53 -18.43
C PHE A 188 -26.24 7.07 -18.44
N GLY A 189 -26.67 6.39 -17.39
CA GLY A 189 -28.07 6.00 -17.30
C GLY A 189 -29.00 7.20 -17.22
N TRP A 190 -28.54 8.27 -16.59
CA TRP A 190 -29.31 9.52 -16.58
C TRP A 190 -29.51 10.05 -18.00
N ILE A 191 -28.54 9.83 -18.88
CA ILE A 191 -28.68 10.24 -20.27
C ILE A 191 -29.58 9.28 -21.03
N HIS A 192 -29.42 7.97 -20.80
CA HIS A 192 -30.13 6.92 -21.52
C HIS A 192 -29.91 7.08 -23.02
N PRO A 193 -28.67 6.86 -23.51
CA PRO A 193 -28.37 7.21 -24.91
C PRO A 193 -28.87 6.23 -25.94
N PHE A 194 -29.16 4.98 -25.58
CA PHE A 194 -29.53 3.96 -26.54
C PHE A 194 -30.98 3.53 -26.33
N GLY A 195 -31.50 2.81 -27.33
CA GLY A 195 -32.86 2.31 -27.26
C GLY A 195 -33.01 1.20 -26.22
N ASN A 196 -32.21 0.15 -26.36
CA ASN A 196 -32.18 -0.95 -25.42
C ASN A 196 -30.74 -1.25 -25.03
N GLY A 197 -30.56 -2.01 -23.96
CA GLY A 197 -29.23 -2.40 -23.53
C GLY A 197 -28.46 -1.33 -22.79
N ASN A 198 -29.13 -0.30 -22.29
CA ASN A 198 -28.43 0.74 -21.54
C ASN A 198 -27.91 0.21 -20.22
N GLY A 199 -28.68 -0.66 -19.56
CA GLY A 199 -28.21 -1.24 -18.31
C GLY A 199 -27.03 -2.17 -18.49
N ARG A 200 -27.09 -3.03 -19.52
CA ARG A 200 -25.96 -3.90 -19.80
C ARG A 200 -24.72 -3.12 -20.18
N THR A 201 -24.88 -1.98 -20.85
CA THR A 201 -23.73 -1.23 -21.35
C THR A 201 -23.03 -0.46 -20.24
N VAL A 202 -23.79 0.20 -19.35
CA VAL A 202 -23.19 1.02 -18.31
C VAL A 202 -22.35 0.17 -17.36
N ARG A 203 -22.70 -1.11 -17.21
CA ARG A 203 -21.86 -2.00 -16.43
C ARG A 203 -20.57 -2.34 -17.18
N LEU A 204 -20.63 -2.44 -18.50
CA LEU A 204 -19.43 -2.61 -19.29
C LEU A 204 -18.57 -1.34 -19.24
N LEU A 205 -19.20 -0.18 -19.21
CA LEU A 205 -18.45 1.08 -19.14
C LEU A 205 -17.79 1.24 -17.78
N THR A 206 -18.46 0.79 -16.72
CA THR A 206 -17.86 0.85 -15.39
C THR A 206 -16.63 -0.07 -15.30
N TYR A 207 -16.71 -1.26 -15.88
CA TYR A 207 -15.55 -2.13 -15.95
C TYR A 207 -14.44 -1.49 -16.77
N SER A 208 -14.79 -0.77 -17.84
CA SER A 208 -13.79 -0.09 -18.64
C SER A 208 -13.11 1.01 -17.85
N LEU A 209 -13.88 1.78 -17.09
CA LEU A 209 -13.31 2.89 -16.34
C LEU A 209 -12.36 2.41 -15.24
N LEU A 210 -12.69 1.30 -14.58
CA LEU A 210 -11.79 0.73 -13.59
C LEU A 210 -10.47 0.30 -14.22
N ILE A 211 -10.54 -0.24 -15.45
CA ILE A 211 -9.32 -0.61 -16.15
C ILE A 211 -8.54 0.65 -16.56
N LYS A 212 -9.25 1.66 -17.07
CA LYS A 212 -8.58 2.88 -17.51
C LYS A 212 -7.90 3.60 -16.35
N TYR A 213 -8.53 3.59 -15.18
CA TYR A 213 -7.99 4.27 -14.01
C TYR A 213 -6.98 3.43 -13.25
N GLY A 214 -6.51 2.33 -13.84
CA GLY A 214 -5.35 1.62 -13.34
C GLY A 214 -5.57 0.79 -12.09
N PHE A 215 -6.43 -0.22 -12.19
CA PHE A 215 -6.58 -1.20 -11.13
C PHE A 215 -5.95 -2.54 -11.47
N ASN A 216 -5.51 -2.72 -12.72
CA ASN A 216 -4.85 -3.95 -13.14
C ASN A 216 -3.36 -3.76 -13.38
N VAL A 217 -2.82 -2.57 -13.09
CA VAL A 217 -1.43 -2.26 -13.41
C VAL A 217 -0.48 -2.96 -12.47
N LYS A 218 -0.46 -2.55 -11.20
CA LYS A 218 0.52 -3.02 -10.24
C LYS A 218 0.25 -4.44 -9.74
N THR A 219 -0.77 -5.12 -10.25
CA THR A 219 -1.11 -6.46 -9.79
C THR A 219 -1.17 -7.41 -10.98
N SER A 220 -0.43 -8.52 -10.89
CA SER A 220 -0.54 -9.57 -11.90
C SER A 220 -1.95 -10.15 -11.92
N GLY A 221 -2.55 -10.33 -10.74
CA GLY A 221 -3.85 -10.94 -10.65
C GLY A 221 -4.79 -10.26 -9.68
N ARG A 222 -5.73 -9.48 -10.22
CA ARG A 222 -6.79 -8.88 -9.43
C ARG A 222 -8.04 -8.82 -10.29
N VAL A 223 -9.10 -9.49 -9.83
CA VAL A 223 -10.36 -9.49 -10.54
C VAL A 223 -11.24 -8.38 -9.99
N LEU A 224 -11.99 -7.72 -10.87
CA LEU A 224 -12.90 -6.65 -10.50
C LEU A 224 -14.29 -7.00 -10.99
N ASN A 225 -15.24 -7.14 -10.06
CA ASN A 225 -16.61 -7.45 -10.40
C ASN A 225 -17.50 -6.25 -10.05
N PRO A 226 -17.58 -5.23 -10.90
CA PRO A 226 -18.43 -4.07 -10.54
C PRO A 226 -19.91 -4.40 -10.47
N THR A 227 -20.40 -5.40 -11.21
CA THR A 227 -21.79 -5.79 -11.08
C THR A 227 -22.08 -6.36 -9.70
N ALA A 228 -21.07 -6.95 -9.04
CA ALA A 228 -21.28 -7.53 -7.72
C ALA A 228 -21.63 -6.49 -6.68
N VAL A 229 -21.30 -5.21 -6.91
CA VAL A 229 -21.69 -4.16 -6.01
C VAL A 229 -23.19 -3.91 -6.10
N PHE A 230 -23.71 -3.79 -7.31
CA PHE A 230 -25.12 -3.52 -7.55
C PHE A 230 -25.95 -4.79 -7.72
N CYS A 231 -25.36 -5.97 -7.53
CA CYS A 231 -26.10 -7.22 -7.62
C CYS A 231 -26.46 -7.81 -6.26
N ASN A 232 -25.67 -7.51 -5.22
CA ASN A 232 -26.05 -7.92 -3.87
C ASN A 232 -27.39 -7.31 -3.49
N ASP A 233 -27.49 -5.99 -3.53
CA ASP A 233 -28.77 -5.31 -3.45
C ASP A 233 -29.29 -5.06 -4.86
N ARG A 234 -30.44 -4.38 -4.95
CA ARG A 234 -31.01 -4.00 -6.24
C ARG A 234 -31.96 -2.83 -6.02
N GLU A 235 -32.82 -2.96 -5.02
CA GLU A 235 -33.67 -1.83 -4.61
C GLU A 235 -32.82 -0.65 -4.16
N ARG A 236 -31.74 -0.94 -3.42
CA ARG A 236 -30.81 0.10 -2.99
C ARG A 236 -30.08 0.72 -4.18
N TYR A 237 -29.67 -0.12 -5.14
CA TYR A 237 -29.01 0.38 -6.33
C TYR A 237 -29.90 1.37 -7.08
N TYR A 238 -31.19 1.06 -7.21
CA TYR A 238 -32.11 1.97 -7.88
C TYR A 238 -32.53 3.11 -6.98
N SER A 239 -32.63 2.89 -5.67
CA SER A 239 -32.98 3.97 -4.76
C SER A 239 -31.90 5.04 -4.75
N MET A 240 -30.63 4.63 -4.80
CA MET A 240 -29.54 5.60 -4.77
C MET A 240 -29.42 6.33 -6.11
N LEU A 241 -29.82 5.69 -7.21
CA LEU A 241 -29.85 6.37 -8.50
C LEU A 241 -30.95 7.42 -8.55
N ALA A 242 -32.15 7.06 -8.08
CA ALA A 242 -33.25 8.01 -8.04
C ALA A 242 -32.92 9.20 -7.13
N GLU A 243 -32.15 8.96 -6.06
CA GLU A 243 -31.73 10.05 -5.20
C GLU A 243 -30.75 10.98 -5.93
N ALA A 244 -30.03 10.47 -6.92
CA ALA A 244 -29.05 11.26 -7.65
C ALA A 244 -29.62 11.92 -8.89
N ASP A 245 -30.74 11.42 -9.43
CA ASP A 245 -31.35 12.04 -10.60
C ASP A 245 -31.83 13.46 -10.30
N THR A 246 -31.99 13.82 -9.03
CA THR A 246 -32.33 15.19 -8.67
C THR A 246 -31.24 16.16 -9.10
N GLY A 247 -29.98 15.72 -9.07
CA GLY A 247 -28.87 16.58 -9.39
C GLY A 247 -28.32 17.37 -8.22
N ALA A 248 -28.96 17.31 -7.06
CA ALA A 248 -28.50 18.04 -5.89
C ALA A 248 -27.15 17.50 -5.42
N VAL A 249 -26.38 18.37 -4.76
CA VAL A 249 -25.06 17.99 -4.27
C VAL A 249 -25.17 16.88 -3.23
N GLU A 250 -26.22 16.90 -2.42
CA GLU A 250 -26.40 15.86 -1.41
C GLU A 250 -26.64 14.50 -2.05
N GLY A 251 -27.54 14.44 -3.03
CA GLY A 251 -27.87 13.17 -3.65
C GLY A 251 -26.72 12.56 -4.44
N LEU A 252 -25.82 13.40 -4.95
CA LEU A 252 -24.68 12.88 -5.70
C LEU A 252 -23.59 12.35 -4.78
N GLU A 253 -23.33 13.05 -3.67
CA GLU A 253 -22.33 12.57 -2.72
C GLU A 253 -22.77 11.26 -2.08
N GLN A 254 -24.08 11.09 -1.87
CA GLN A 254 -24.58 9.83 -1.31
C GLN A 254 -24.50 8.70 -2.34
N TRP A 255 -24.68 9.01 -3.62
CA TRP A 255 -24.50 8.00 -4.65
C TRP A 255 -23.04 7.58 -4.76
N CYS A 256 -22.13 8.57 -4.74
CA CYS A 256 -20.69 8.26 -4.76
C CYS A 256 -20.30 7.47 -3.53
N LEU A 257 -20.83 7.83 -2.36
CA LEU A 257 -20.53 7.11 -1.13
C LEU A 257 -20.95 5.66 -1.23
N TYR A 258 -22.14 5.41 -1.78
CA TYR A 258 -22.62 4.04 -1.92
C TYR A 258 -21.74 3.23 -2.87
N VAL A 259 -21.30 3.85 -3.96
CA VAL A 259 -20.52 3.13 -4.96
C VAL A 259 -19.11 2.85 -4.48
N LEU A 260 -18.46 3.85 -3.86
CA LEU A 260 -17.08 3.71 -3.47
C LEU A 260 -16.90 2.66 -2.37
N THR A 261 -17.77 2.68 -1.36
CA THR A 261 -17.69 1.69 -0.29
C THR A 261 -17.97 0.29 -0.82
N GLY A 262 -18.95 0.17 -1.73
CA GLY A 262 -19.26 -1.14 -2.30
C GLY A 262 -18.14 -1.69 -3.15
N ILE A 263 -17.40 -0.82 -3.84
CA ILE A 263 -16.27 -1.28 -4.64
C ILE A 263 -15.13 -1.74 -3.73
N SER A 264 -14.81 -0.96 -2.70
CA SER A 264 -13.75 -1.34 -1.78
C SER A 264 -14.09 -2.59 -0.99
N ALA A 265 -15.37 -2.79 -0.68
CA ALA A 265 -15.77 -4.00 0.03
C ALA A 265 -15.60 -5.24 -0.84
N GLU A 266 -15.84 -5.11 -2.14
CA GLU A 266 -15.64 -6.24 -3.04
C GLU A 266 -14.15 -6.49 -3.29
N LEU A 267 -13.36 -5.42 -3.36
CA LEU A 267 -11.91 -5.59 -3.49
C LEU A 267 -11.32 -6.31 -2.29
N LYS A 268 -11.91 -6.14 -1.12
CA LYS A 268 -11.42 -6.84 0.07
C LYS A 268 -11.63 -8.34 -0.06
N LYS A 269 -12.83 -8.76 -0.48
CA LYS A 269 -13.10 -10.18 -0.63
C LYS A 269 -12.22 -10.80 -1.71
N VAL A 270 -12.05 -10.09 -2.84
CA VAL A 270 -11.45 -10.70 -4.02
C VAL A 270 -9.93 -10.71 -3.98
N ASP A 271 -9.30 -9.83 -3.20
CA ASP A 271 -7.84 -9.79 -3.19
C ASP A 271 -7.22 -10.94 -2.42
N LYS A 272 -8.02 -11.74 -1.72
CA LYS A 272 -7.50 -12.97 -1.12
C LYS A 272 -7.05 -13.95 -2.20
N LEU A 273 -7.70 -13.93 -3.36
CA LEU A 273 -7.39 -14.87 -4.43
C LEU A 273 -6.03 -14.62 -5.06
N SER A 274 -5.35 -13.53 -4.69
CA SER A 274 -3.98 -13.31 -5.13
C SER A 274 -2.95 -14.04 -4.25
N ASP A 275 -3.39 -14.65 -3.16
CA ASP A 275 -2.54 -15.47 -2.32
C ASP A 275 -2.52 -16.89 -2.88
N LEU A 276 -1.34 -17.34 -3.31
CA LEU A 276 -1.23 -18.65 -3.96
C LEU A 276 -1.67 -19.77 -3.02
N HIS A 277 -1.34 -19.66 -1.74
CA HIS A 277 -1.74 -20.70 -0.78
C HIS A 277 -3.25 -20.72 -0.62
N PHE A 278 -3.88 -19.55 -0.48
CA PHE A 278 -5.33 -19.51 -0.31
C PHE A 278 -6.03 -20.00 -1.57
N LEU A 279 -5.59 -19.54 -2.74
CA LEU A 279 -6.23 -19.94 -3.98
C LEU A 279 -6.10 -21.45 -4.21
N ASN A 280 -4.92 -22.00 -3.94
CA ASN A 280 -4.71 -23.44 -4.13
C ASN A 280 -5.52 -24.24 -3.11
N SER A 281 -5.41 -23.89 -1.83
CA SER A 281 -6.02 -24.71 -0.79
C SER A 281 -7.53 -24.58 -0.74
N LYS A 282 -8.07 -23.40 -1.07
CA LYS A 282 -9.49 -23.16 -0.91
C LYS A 282 -10.28 -23.22 -2.21
N VAL A 283 -9.62 -23.14 -3.36
CA VAL A 283 -10.34 -23.11 -4.63
C VAL A 283 -9.83 -24.17 -5.58
N LEU A 284 -8.55 -24.11 -5.93
CA LEU A 284 -8.05 -24.90 -7.06
C LEU A 284 -7.91 -26.37 -6.70
N TYR A 285 -7.24 -26.68 -5.59
CA TYR A 285 -7.12 -28.08 -5.18
C TYR A 285 -8.47 -28.72 -4.85
N PRO A 286 -9.40 -28.06 -4.15
CA PRO A 286 -10.75 -28.65 -4.04
C PRO A 286 -11.42 -28.87 -5.38
N ALA A 287 -11.28 -27.91 -6.31
CA ALA A 287 -11.84 -28.10 -7.64
C ALA A 287 -11.26 -29.32 -8.33
N LEU A 288 -10.00 -29.66 -8.01
CA LEU A 288 -9.40 -30.85 -8.58
C LEU A 288 -10.09 -32.12 -8.08
N GLU A 289 -10.20 -32.25 -6.75
CA GLU A 289 -10.82 -33.45 -6.18
C GLU A 289 -12.29 -33.56 -6.53
N TYR A 290 -12.95 -32.44 -6.84
CA TYR A 290 -14.34 -32.51 -7.28
C TYR A 290 -14.46 -33.26 -8.61
N SER A 291 -13.57 -32.96 -9.56
CA SER A 291 -13.52 -33.73 -10.79
C SER A 291 -13.10 -35.17 -10.53
N LYS A 292 -12.17 -35.37 -9.59
CA LYS A 292 -11.78 -36.72 -9.20
C LYS A 292 -12.91 -37.44 -8.50
N GLY A 293 -13.67 -36.72 -7.68
CA GLY A 293 -14.79 -37.34 -6.98
C GLY A 293 -15.90 -37.80 -7.91
N ARG A 294 -16.13 -37.09 -9.00
CA ARG A 294 -17.11 -37.50 -10.00
C ARG A 294 -16.53 -38.47 -11.02
N GLY A 295 -15.31 -38.97 -10.78
CA GLY A 295 -14.70 -39.89 -11.72
C GLY A 295 -14.48 -39.31 -13.09
N VAL A 296 -14.07 -38.05 -13.18
CA VAL A 296 -13.72 -37.44 -14.46
C VAL A 296 -12.26 -37.67 -14.79
N ILE A 297 -11.37 -37.47 -13.81
CA ILE A 297 -9.95 -37.70 -13.98
C ILE A 297 -9.57 -38.94 -13.18
N ASN A 298 -8.46 -39.56 -13.56
CA ASN A 298 -7.96 -40.73 -12.87
C ASN A 298 -6.76 -40.33 -12.00
N GLU A 299 -5.92 -41.32 -11.65
CA GLU A 299 -4.82 -41.07 -10.72
C GLU A 299 -3.69 -40.28 -11.35
N THR A 300 -3.13 -40.79 -12.44
CA THR A 300 -2.02 -40.10 -13.10
C THR A 300 -2.44 -38.73 -13.60
N GLU A 301 -3.66 -38.62 -14.14
CA GLU A 301 -4.16 -37.33 -14.60
C GLU A 301 -4.27 -36.32 -13.45
N SER A 302 -4.61 -36.79 -12.25
CA SER A 302 -4.69 -35.89 -11.11
C SER A 302 -3.31 -35.45 -10.64
N LYS A 303 -2.33 -36.37 -10.68
CA LYS A 303 -0.96 -35.99 -10.35
C LYS A 303 -0.42 -34.96 -11.33
N ILE A 304 -0.73 -35.12 -12.62
CA ILE A 304 -0.28 -34.16 -13.62
C ILE A 304 -0.89 -32.79 -13.35
N LEU A 305 -2.22 -32.74 -13.17
CA LEU A 305 -2.89 -31.47 -12.96
C LEU A 305 -2.53 -30.85 -11.61
N LYS A 306 -2.14 -31.67 -10.64
CA LYS A 306 -1.63 -31.13 -9.38
C LYS A 306 -0.32 -30.39 -9.60
N ARG A 307 0.54 -30.91 -10.47
CA ARG A 307 1.81 -30.24 -10.76
C ARG A 307 1.60 -28.94 -11.51
N THR A 308 0.68 -28.94 -12.49
CA THR A 308 0.41 -27.72 -13.25
C THR A 308 -0.13 -26.61 -12.35
N ILE A 309 -0.97 -26.97 -11.38
CA ILE A 309 -1.52 -25.98 -10.46
C ILE A 309 -0.43 -25.40 -9.58
N SER A 310 0.43 -26.26 -9.02
CA SER A 310 1.49 -25.78 -8.13
C SER A 310 2.56 -25.00 -8.89
N GLN A 311 2.83 -25.38 -10.15
CA GLN A 311 3.89 -24.77 -10.92
C GLN A 311 3.41 -23.65 -11.84
N GLY A 312 2.12 -23.63 -12.18
CA GLY A 312 1.61 -22.65 -13.11
C GLY A 312 1.43 -23.22 -14.51
N THR A 313 2.47 -23.88 -15.01
CA THR A 313 2.41 -24.52 -16.33
C THR A 313 2.98 -25.93 -16.24
N VAL A 314 3.20 -26.56 -17.40
CA VAL A 314 3.78 -27.90 -17.43
C VAL A 314 4.26 -28.19 -18.85
N LYS A 315 5.36 -28.94 -18.94
CA LYS A 315 5.84 -29.51 -20.19
C LYS A 315 6.11 -30.99 -19.96
N THR A 316 6.21 -31.75 -21.04
CA THR A 316 6.37 -33.21 -20.91
C THR A 316 7.65 -33.56 -20.16
N SER A 317 8.67 -32.72 -20.23
CA SER A 317 9.91 -32.93 -19.48
C SER A 317 9.81 -32.48 -18.03
N ASP A 318 8.66 -31.94 -17.61
CA ASP A 318 8.47 -31.45 -16.26
C ASP A 318 7.89 -32.51 -15.33
N LEU A 319 7.61 -33.71 -15.83
CA LEU A 319 7.04 -34.78 -15.02
C LEU A 319 7.84 -36.07 -15.15
N LYS A 320 9.15 -35.96 -15.36
CA LYS A 320 9.99 -37.15 -15.39
C LYS A 320 10.00 -37.85 -14.04
N GLU A 321 9.97 -37.08 -12.96
CA GLU A 321 9.93 -37.64 -11.62
C GLU A 321 8.52 -37.71 -11.03
N VAL A 322 7.53 -37.14 -11.71
CA VAL A 322 6.14 -37.35 -11.30
C VAL A 322 5.65 -38.70 -11.80
N LEU A 323 6.02 -39.07 -13.03
CA LEU A 323 5.69 -40.36 -13.62
C LEU A 323 7.00 -41.00 -14.07
N PRO A 324 7.66 -41.73 -13.17
CA PRO A 324 9.01 -42.22 -13.49
C PRO A 324 9.02 -43.42 -14.43
N GLY A 325 7.98 -44.26 -14.37
CA GLY A 325 7.92 -45.43 -15.22
C GLY A 325 7.57 -45.18 -16.66
N LEU A 326 7.41 -43.93 -17.07
CA LEU A 326 6.99 -43.58 -18.41
C LEU A 326 8.12 -42.90 -19.17
N LYS A 327 8.28 -43.25 -20.43
CA LYS A 327 9.19 -42.54 -21.31
C LYS A 327 8.63 -41.16 -21.63
N PRO A 328 9.49 -40.22 -22.03
CA PRO A 328 8.98 -38.91 -22.47
C PRO A 328 7.92 -39.00 -23.56
N ALA A 329 7.96 -40.03 -24.40
CA ALA A 329 6.93 -40.20 -25.41
C ALA A 329 5.63 -40.70 -24.80
N GLN A 330 5.71 -41.43 -23.67
CA GLN A 330 4.50 -41.86 -22.99
C GLN A 330 3.88 -40.72 -22.18
N ILE A 331 4.71 -39.85 -21.61
CA ILE A 331 4.20 -38.64 -20.96
C ILE A 331 3.40 -37.81 -21.94
N THR A 332 3.91 -37.67 -23.17
CA THR A 332 3.25 -36.84 -24.17
C THR A 332 1.88 -37.40 -24.55
N TYR A 333 1.75 -38.72 -24.60
CA TYR A 333 0.43 -39.31 -24.84
C TYR A 333 -0.52 -38.99 -23.69
N GLN A 334 -0.01 -39.01 -22.45
CA GLN A 334 -0.87 -38.71 -21.30
C GLN A 334 -1.30 -37.26 -21.31
N ILE A 335 -0.41 -36.34 -21.70
CA ILE A 335 -0.79 -34.94 -21.80
C ILE A 335 -1.84 -34.75 -22.88
N GLY A 336 -1.67 -35.42 -24.02
CA GLY A 336 -2.63 -35.28 -25.11
C GLY A 336 -4.03 -35.71 -24.73
N LYS A 337 -4.16 -36.71 -23.85
CA LYS A 337 -5.48 -37.08 -23.35
C LYS A 337 -6.12 -35.94 -22.59
N LEU A 338 -5.33 -35.21 -21.78
CA LEU A 338 -5.88 -34.10 -21.02
C LEU A 338 -6.16 -32.90 -21.93
N VAL A 339 -5.37 -32.71 -22.99
CA VAL A 339 -5.66 -31.63 -23.94
C VAL A 339 -6.93 -31.93 -24.72
N ASP A 340 -7.20 -33.20 -25.01
CA ASP A 340 -8.40 -33.56 -25.75
C ASP A 340 -9.67 -33.26 -24.95
N ARG A 341 -9.62 -33.47 -23.64
CA ARG A 341 -10.76 -33.20 -22.77
C ARG A 341 -10.80 -31.77 -22.27
N GLY A 342 -9.89 -30.92 -22.74
CA GLY A 342 -9.86 -29.54 -22.30
C GLY A 342 -9.32 -29.30 -20.92
N LEU A 343 -8.95 -30.36 -20.19
CA LEU A 343 -8.40 -30.19 -18.85
C LEU A 343 -7.04 -29.50 -18.90
N LEU A 344 -6.25 -29.77 -19.93
CA LEU A 344 -5.01 -29.04 -20.19
C LEU A 344 -5.20 -28.16 -21.43
N GLN A 345 -4.61 -26.98 -21.40
CA GLN A 345 -4.78 -26.00 -22.46
C GLN A 345 -3.42 -25.44 -22.87
N PRO A 346 -3.11 -25.40 -24.16
CA PRO A 346 -1.88 -24.73 -24.60
C PRO A 346 -1.89 -23.27 -24.17
N VAL A 347 -0.72 -22.79 -23.75
CA VAL A 347 -0.60 -21.39 -23.33
C VAL A 347 -0.99 -20.46 -24.46
N GLU A 348 -0.46 -20.71 -25.65
CA GLU A 348 -0.91 -20.07 -26.88
C GLU A 348 -1.03 -21.14 -27.94
N VAL A 349 -1.55 -20.75 -29.11
CA VAL A 349 -1.72 -21.71 -30.19
C VAL A 349 -0.37 -22.16 -30.70
N GLY A 350 -0.16 -23.46 -30.78
CA GLY A 350 1.05 -24.03 -31.33
C GLY A 350 2.21 -24.16 -30.38
N SER A 351 2.00 -23.96 -29.08
CA SER A 351 3.05 -24.17 -28.09
C SER A 351 2.83 -25.50 -27.38
N ARG A 352 3.93 -26.08 -26.89
CA ARG A 352 3.89 -27.34 -26.17
C ARG A 352 3.94 -27.15 -24.66
N ILE A 353 3.65 -25.95 -24.17
CA ILE A 353 3.51 -25.67 -22.75
C ILE A 353 2.02 -25.51 -22.45
N TYR A 354 1.57 -26.09 -21.34
CA TYR A 354 0.15 -26.19 -21.06
C TYR A 354 -0.16 -25.67 -19.66
N THR A 355 -1.44 -25.33 -19.48
CA THR A 355 -1.97 -24.86 -18.20
C THR A 355 -3.29 -25.58 -17.96
N ALA A 356 -3.73 -25.59 -16.70
CA ALA A 356 -4.99 -26.21 -16.35
C ALA A 356 -6.15 -25.42 -16.95
N GLY A 357 -7.01 -26.11 -17.69
CA GLY A 357 -8.15 -25.47 -18.32
C GLY A 357 -9.30 -25.27 -17.36
N PHE A 358 -9.20 -24.25 -16.52
CA PHE A 358 -10.23 -23.96 -15.52
C PHE A 358 -11.46 -23.30 -16.12
N SER A 359 -11.40 -22.86 -17.39
CA SER A 359 -12.50 -22.13 -18.01
C SER A 359 -13.06 -22.83 -19.24
N LYS A 360 -12.66 -24.08 -19.48
CA LYS A 360 -13.16 -24.85 -20.61
C LYS A 360 -13.56 -26.27 -20.24
N SER A 361 -13.03 -26.82 -19.15
CA SER A 361 -13.16 -28.23 -18.81
C SER A 361 -14.11 -28.43 -17.63
N ASP A 362 -14.15 -29.67 -17.14
CA ASP A 362 -14.92 -30.00 -15.96
C ASP A 362 -14.43 -29.26 -14.72
N LEU A 363 -13.17 -28.82 -14.72
CA LEU A 363 -12.62 -28.10 -13.58
C LEU A 363 -13.36 -26.80 -13.31
N MET A 364 -14.04 -26.23 -14.31
CA MET A 364 -14.83 -25.03 -14.10
C MET A 364 -15.95 -25.28 -13.09
N ARG A 365 -16.54 -26.47 -13.12
CA ARG A 365 -17.60 -26.81 -12.17
C ARG A 365 -17.05 -26.83 -10.74
N GLY A 366 -15.89 -27.45 -10.54
CA GLY A 366 -15.29 -27.50 -9.22
C GLY A 366 -14.89 -26.13 -8.70
N VAL A 367 -14.44 -25.24 -9.58
CA VAL A 367 -14.05 -23.91 -9.16
C VAL A 367 -15.26 -23.13 -8.67
N ILE A 368 -16.39 -23.26 -9.36
CA ILE A 368 -17.59 -22.53 -8.97
C ILE A 368 -18.12 -23.02 -7.63
N HIS A 369 -18.02 -24.33 -7.38
CA HIS A 369 -18.44 -24.86 -6.08
C HIS A 369 -17.55 -24.31 -4.97
N ALA A 370 -16.24 -24.34 -5.17
CA ALA A 370 -15.31 -23.82 -4.16
C ALA A 370 -15.51 -22.32 -3.98
N LEU A 371 -15.81 -21.60 -5.07
CA LEU A 371 -16.07 -20.16 -4.95
C LEU A 371 -17.36 -19.89 -4.19
N ARG A 372 -18.37 -20.75 -4.35
CA ARG A 372 -19.60 -20.58 -3.59
C ARG A 372 -19.39 -20.90 -2.11
N LYS A 373 -18.63 -21.95 -1.82
CA LYS A 373 -18.36 -22.31 -0.44
C LYS A 373 -17.61 -21.22 0.30
N GLU A 374 -16.70 -20.54 -0.40
CA GLU A 374 -15.88 -19.50 0.21
C GLU A 374 -16.53 -18.12 0.15
N GLY A 375 -17.73 -18.00 -0.42
CA GLY A 375 -18.49 -16.78 -0.36
C GLY A 375 -18.18 -15.76 -1.44
N PHE A 376 -17.98 -16.21 -2.67
CA PHE A 376 -17.80 -15.33 -3.81
C PHE A 376 -19.00 -15.29 -4.75
N ILE A 377 -19.94 -16.22 -4.61
CA ILE A 377 -21.08 -16.34 -5.51
C ILE A 377 -22.36 -16.36 -4.67
N PRO A 378 -23.31 -15.46 -4.91
CA PRO A 378 -24.58 -15.55 -4.18
C PRO A 378 -25.36 -16.81 -4.55
N ASP A 379 -25.70 -16.94 -5.83
CA ASP A 379 -26.40 -18.13 -6.32
C ASP A 379 -26.03 -18.42 -7.76
N ASN B 5 -6.10 32.29 24.30
CA ASN B 5 -6.10 31.64 23.02
C ASN B 5 -6.14 32.65 21.92
N HIS B 6 -5.03 33.38 21.73
CA HIS B 6 -4.97 34.27 20.60
C HIS B 6 -5.64 33.49 19.51
N TYR B 7 -5.27 32.22 19.37
CA TYR B 7 -5.97 31.36 18.42
C TYR B 7 -6.31 30.04 19.11
N ASP B 8 -7.55 29.60 18.96
CA ASP B 8 -8.00 28.36 19.57
C ASP B 8 -7.37 27.17 18.86
N LEU B 9 -6.82 26.24 19.63
CA LEU B 9 -6.22 25.03 19.07
C LEU B 9 -7.35 24.09 18.66
N ALA B 10 -7.51 23.88 17.36
CA ALA B 10 -8.57 23.03 16.84
C ALA B 10 -8.08 22.31 15.61
N LEU B 11 -8.81 21.25 15.24
CA LEU B 11 -8.50 20.50 14.04
C LEU B 11 -8.86 21.30 12.79
N LEU B 12 -8.10 21.08 11.74
CA LEU B 12 -8.37 21.75 10.47
C LEU B 12 -9.38 20.96 9.65
N ASN B 13 -9.86 21.60 8.59
CA ASN B 13 -10.85 20.98 7.69
C ASN B 13 -10.70 21.55 6.30
N PRO B 14 -9.81 20.97 5.49
CA PRO B 14 -9.68 21.43 4.10
C PRO B 14 -10.68 20.74 3.19
N SER B 15 -10.90 21.37 2.04
CA SER B 15 -11.75 20.79 1.02
C SER B 15 -10.99 19.74 0.22
N PHE B 16 -11.75 18.88 -0.46
CA PHE B 16 -11.13 17.78 -1.20
C PHE B 16 -10.21 18.29 -2.31
N ASP B 17 -10.46 19.49 -2.82
CA ASP B 17 -9.65 20.05 -3.90
C ASP B 17 -8.31 20.57 -3.44
N SER B 18 -8.05 20.60 -2.13
CA SER B 18 -6.89 21.27 -1.56
C SER B 18 -5.67 20.37 -1.60
N PRO B 19 -4.48 20.98 -1.76
CA PRO B 19 -3.24 20.18 -1.69
C PRO B 19 -2.98 19.58 -0.31
N LEU B 20 -3.57 20.15 0.75
CA LEU B 20 -3.41 19.57 2.07
C LEU B 20 -4.02 18.17 2.14
N VAL B 21 -5.18 17.99 1.52
CA VAL B 21 -5.79 16.67 1.46
C VAL B 21 -4.93 15.73 0.62
N ASP B 22 -4.29 16.25 -0.43
CA ASP B 22 -3.40 15.44 -1.24
C ASP B 22 -2.25 14.87 -0.41
N ALA B 23 -1.61 15.72 0.40
CA ALA B 23 -0.50 15.26 1.23
C ALA B 23 -0.98 14.34 2.34
N LEU B 24 -2.21 14.53 2.82
CA LEU B 24 -2.71 13.70 3.91
C LEU B 24 -2.91 12.25 3.47
N THR B 25 -3.53 12.05 2.30
CA THR B 25 -3.72 10.70 1.79
C THR B 25 -2.38 10.06 1.41
N GLU B 26 -1.49 10.85 0.80
CA GLU B 26 -0.15 10.36 0.49
C GLU B 26 0.51 9.76 1.72
N LEU B 27 0.57 10.53 2.81
CA LEU B 27 1.22 10.05 4.03
C LEU B 27 0.41 8.95 4.72
N GLU B 28 -0.88 8.83 4.41
CA GLU B 28 -1.66 7.72 4.94
C GLU B 28 -1.38 6.41 4.21
N LEU B 29 -0.86 6.48 2.98
CA LEU B 29 -0.44 5.27 2.29
C LEU B 29 0.71 4.59 3.04
N LEU B 30 1.74 5.37 3.39
CA LEU B 30 2.92 4.82 4.03
C LEU B 30 2.65 4.36 5.46
N ARG B 31 1.58 4.85 6.08
CA ARG B 31 1.23 4.40 7.42
C ARG B 31 0.58 3.02 7.40
N HIS B 32 -0.28 2.77 6.42
CA HIS B 32 -1.00 1.51 6.31
C HIS B 32 -0.26 0.49 5.44
N LEU B 33 0.95 0.81 4.98
CA LEU B 33 1.70 -0.11 4.13
C LEU B 33 1.95 -1.42 4.87
N ARG B 34 1.51 -2.52 4.26
CA ARG B 34 1.62 -3.85 4.86
C ARG B 34 2.86 -4.60 4.37
N LEU B 35 3.85 -3.88 3.85
CA LEU B 35 5.05 -4.50 3.29
C LEU B 35 6.08 -4.68 4.40
N GLU B 36 6.38 -5.94 4.73
CA GLU B 36 7.41 -6.25 5.71
C GLU B 36 8.76 -6.42 5.01
N THR B 37 9.80 -6.64 5.80
CA THR B 37 11.17 -6.62 5.31
C THR B 37 11.80 -8.01 5.38
N ASP B 38 12.89 -8.17 4.64
CA ASP B 38 13.71 -9.37 4.68
C ASP B 38 15.03 -9.14 5.41
N VAL B 39 15.20 -7.97 6.02
CA VAL B 39 16.41 -7.68 6.78
C VAL B 39 16.30 -8.34 8.15
N HIS B 40 17.42 -8.91 8.61
CA HIS B 40 17.45 -9.53 9.93
C HIS B 40 17.15 -8.47 11.00
N PRO B 41 16.24 -8.75 11.93
CA PRO B 41 15.92 -7.75 12.95
C PRO B 41 17.10 -7.36 13.82
N LEU B 42 18.10 -8.23 13.97
CA LEU B 42 19.29 -7.88 14.73
C LEU B 42 20.21 -6.94 13.97
N LEU B 43 20.09 -6.88 12.64
CA LEU B 43 20.82 -5.90 11.85
C LEU B 43 20.07 -4.58 11.77
N PHE B 44 18.73 -4.64 11.70
CA PHE B 44 17.93 -3.42 11.74
C PHE B 44 18.03 -2.73 13.09
N ALA B 45 18.20 -3.50 14.17
CA ALA B 45 18.31 -2.90 15.50
C ALA B 45 19.54 -2.01 15.60
N GLN B 46 20.64 -2.40 14.94
CA GLN B 46 21.83 -1.55 14.91
C GLN B 46 21.62 -0.34 14.00
N LEU B 47 20.88 -0.52 12.90
CA LEU B 47 20.54 0.62 12.04
C LEU B 47 19.73 1.66 12.80
N LYS B 48 18.79 1.20 13.63
CA LYS B 48 17.99 2.13 14.43
C LYS B 48 18.86 2.86 15.44
N SER B 49 19.87 2.18 16.00
CA SER B 49 20.77 2.83 16.94
C SER B 49 21.58 3.92 16.26
N ILE B 50 22.01 3.68 15.02
CA ILE B 50 22.80 4.66 14.28
C ILE B 50 21.96 5.89 13.95
N PHE B 51 20.69 5.68 13.57
CA PHE B 51 19.84 6.81 13.20
C PHE B 51 19.37 7.60 14.42
N HIS B 52 19.30 6.98 15.59
CA HIS B 52 19.08 7.74 16.82
C HIS B 52 20.23 8.70 17.05
N MET B 53 21.45 8.27 16.74
CA MET B 53 22.61 9.14 16.86
C MET B 53 22.54 10.30 15.86
N LEU B 54 22.05 10.02 14.65
CA LEU B 54 21.96 11.08 13.64
C LEU B 54 20.95 12.14 14.03
N GLU B 55 19.82 11.73 14.60
CA GLU B 55 18.80 12.70 15.03
C GLU B 55 19.31 13.55 16.19
N SER B 56 19.96 12.92 17.18
CA SER B 56 20.50 13.66 18.30
C SER B 56 21.53 14.68 17.84
N LEU B 57 22.37 14.30 16.87
CA LEU B 57 23.30 15.26 16.28
C LEU B 57 22.56 16.40 15.60
N GLY B 58 21.58 16.06 14.75
CA GLY B 58 20.88 17.09 14.00
C GLY B 58 20.13 18.07 14.88
N SER B 59 19.42 17.57 15.89
CA SER B 59 18.63 18.44 16.75
C SER B 59 19.50 19.45 17.48
N ALA B 60 20.61 18.99 18.05
CA ALA B 60 21.48 19.89 18.79
C ALA B 60 22.15 20.89 17.87
N ARG B 61 22.51 20.46 16.65
CA ARG B 61 23.16 21.38 15.72
C ARG B 61 22.21 22.46 15.22
N ILE B 62 20.90 22.19 15.23
CA ILE B 62 19.94 23.23 14.91
C ILE B 62 20.01 24.37 15.92
N GLU B 63 20.28 24.03 17.18
CA GLU B 63 20.45 25.02 18.24
C GLU B 63 21.90 25.51 18.35
N GLY B 64 22.72 25.28 17.33
CA GLY B 64 24.06 25.82 17.33
C GLY B 64 25.10 24.98 18.01
N ASN B 65 24.93 23.66 18.06
CA ASN B 65 25.95 22.79 18.60
C ASN B 65 27.08 22.63 17.59
N HIS B 66 28.31 22.59 18.09
CA HIS B 66 29.49 22.57 17.24
C HIS B 66 30.03 21.16 16.98
N THR B 67 29.61 20.18 17.77
CA THR B 67 30.10 18.82 17.58
C THR B 67 29.68 18.27 16.22
N THR B 68 30.56 17.48 15.61
CA THR B 68 30.30 16.85 14.33
C THR B 68 30.21 15.34 14.50
N LEU B 69 29.85 14.66 13.41
CA LEU B 69 29.67 13.21 13.46
C LEU B 69 30.96 12.50 13.81
N ALA B 70 32.10 13.01 13.32
CA ALA B 70 33.38 12.39 13.64
C ALA B 70 33.66 12.47 15.13
N ASP B 71 33.47 13.65 15.73
CA ASP B 71 33.79 13.82 17.14
C ASP B 71 32.83 13.03 18.02
N TYR B 72 31.56 12.93 17.63
CA TYR B 72 30.60 12.17 18.43
C TYR B 72 30.84 10.67 18.31
N VAL B 73 31.07 10.19 17.08
CA VAL B 73 31.37 8.78 16.88
C VAL B 73 32.65 8.40 17.60
N GLU B 74 33.65 9.27 17.55
CA GLU B 74 34.91 9.00 18.23
C GLU B 74 34.71 8.89 19.74
N SER B 75 33.86 9.74 20.31
CA SER B 75 33.60 9.70 21.75
C SER B 75 32.73 8.52 22.14
N LYS B 76 32.07 7.88 21.17
CA LYS B 76 31.17 6.78 21.47
C LYS B 76 31.85 5.42 21.33
N VAL B 77 32.64 5.23 20.27
CA VAL B 77 33.30 3.94 20.05
C VAL B 77 34.29 3.65 21.17
N GLU B 78 35.32 4.47 21.28
CA GLU B 78 36.40 4.23 22.22
C GLU B 78 36.63 5.47 23.06
N GLY B 79 37.28 5.27 24.22
CA GLY B 79 37.55 6.36 25.13
C GLY B 79 36.72 6.30 26.40
N SER B 83 32.67 13.67 26.92
CA SER B 83 33.19 14.28 28.13
C SER B 83 32.92 15.78 28.18
N THR B 84 32.98 16.42 27.02
CA THR B 84 32.79 17.87 26.96
C THR B 84 31.31 18.22 27.04
N ASP B 85 31.04 19.51 27.29
CA ASP B 85 29.67 19.95 27.54
C ASP B 85 28.81 19.86 26.28
N GLN B 86 29.37 20.21 25.12
CA GLN B 86 28.62 20.10 23.88
C GLN B 86 28.32 18.66 23.51
N LEU B 87 29.10 17.71 24.01
CA LEU B 87 28.82 16.30 23.78
C LEU B 87 27.65 15.83 24.62
N LYS B 88 27.61 16.25 25.90
CA LYS B 88 26.55 15.80 26.80
C LYS B 88 25.18 16.27 26.34
N GLU B 89 25.10 17.46 25.76
CA GLU B 89 23.84 17.96 25.21
C GLU B 89 23.30 17.01 24.15
N ILE B 90 24.17 16.24 23.50
CA ILE B 90 23.76 15.36 22.42
C ILE B 90 23.43 13.97 22.93
N GLY B 91 24.25 13.45 23.85
CA GLY B 91 23.91 12.21 24.52
C GLY B 91 22.62 12.34 25.30
N ASN B 92 22.29 13.55 25.75
CA ASN B 92 21.01 13.80 26.41
C ASN B 92 19.85 13.45 25.48
N ILE B 93 19.91 13.92 24.24
CA ILE B 93 18.84 13.64 23.28
C ILE B 93 18.80 12.15 22.95
N GLU B 94 19.96 11.49 22.92
CA GLU B 94 19.98 10.06 22.61
C GLU B 94 19.29 9.26 23.72
N HIS B 95 19.55 9.60 24.98
CA HIS B 95 18.84 8.96 26.07
C HIS B 95 17.35 9.25 26.02
N ALA B 96 16.97 10.42 25.48
CA ALA B 96 15.56 10.78 25.40
C ALA B 96 14.83 9.96 24.35
N MET B 97 15.55 9.49 23.32
CA MET B 97 14.90 8.70 22.27
C MET B 97 14.73 7.24 22.70
N ASN B 98 15.71 6.68 23.42
CA ASN B 98 15.53 5.37 24.01
C ASN B 98 14.40 5.37 25.03
N PHE B 99 14.23 6.49 25.74
CA PHE B 99 13.15 6.61 26.71
C PHE B 99 11.79 6.63 26.02
N ILE B 100 11.67 7.40 24.94
CA ILE B 100 10.43 7.41 24.17
C ILE B 100 10.12 6.02 23.62
N ASP B 101 11.15 5.32 23.14
CA ASP B 101 10.97 3.96 22.65
C ASP B 101 10.48 3.04 23.76
N GLU B 102 11.17 3.03 24.89
CA GLU B 102 10.81 2.13 25.98
C GLU B 102 9.45 2.48 26.58
N HIS B 103 9.16 3.77 26.72
CA HIS B 103 7.90 4.19 27.34
C HIS B 103 6.70 3.75 26.51
N LEU B 104 6.71 4.06 25.21
CA LEU B 104 5.61 3.66 24.35
C LEU B 104 5.58 2.15 24.15
N HIS B 105 6.74 1.50 24.13
CA HIS B 105 6.77 0.04 24.03
C HIS B 105 6.20 -0.62 25.29
N ALA B 106 6.37 0.01 26.45
CA ALA B 106 5.80 -0.51 27.68
C ALA B 106 4.29 -0.36 27.75
N GLY B 107 3.68 0.32 26.78
CA GLY B 107 2.24 0.50 26.76
C GLY B 107 1.74 1.79 27.38
N GLU B 108 2.64 2.67 27.82
CA GLU B 108 2.24 3.92 28.43
C GLU B 108 2.04 5.00 27.35
N ASP B 109 1.48 6.14 27.76
CA ASP B 109 1.01 7.15 26.85
C ASP B 109 1.75 8.47 27.05
N ILE B 110 1.47 9.40 26.14
CA ILE B 110 2.10 10.73 26.16
C ILE B 110 1.27 11.59 27.11
N THR B 111 1.62 11.55 28.39
CA THR B 111 0.97 12.37 29.39
C THR B 111 1.76 13.66 29.61
N GLU B 112 1.15 14.61 30.30
CA GLU B 112 1.82 15.87 30.58
C GLU B 112 3.07 15.64 31.42
N TYR B 113 3.02 14.70 32.37
CA TYR B 113 4.20 14.38 33.15
C TYR B 113 5.27 13.72 32.29
N PHE B 114 4.85 12.90 31.32
CA PHE B 114 5.81 12.27 30.42
C PHE B 114 6.54 13.32 29.59
N VAL B 115 5.82 14.38 29.18
CA VAL B 115 6.46 15.49 28.48
C VAL B 115 7.42 16.21 29.42
N ARG B 116 7.10 16.24 30.71
CA ARG B 116 8.02 16.85 31.68
C ARG B 116 9.29 16.03 31.83
N GLU B 117 9.14 14.71 31.97
CA GLU B 117 10.31 13.84 32.01
C GLU B 117 11.09 13.89 30.71
N LEU B 118 10.40 14.08 29.59
CA LEU B 118 11.08 14.27 28.31
C LEU B 118 11.96 15.52 28.34
N HIS B 119 11.45 16.62 28.88
CA HIS B 119 12.23 17.85 28.93
C HIS B 119 13.35 17.75 29.96
N ALA B 120 13.10 17.07 31.08
CA ALA B 120 14.12 16.97 32.12
C ALA B 120 15.34 16.18 31.63
N MET B 121 15.10 15.17 30.80
CA MET B 121 16.23 14.39 30.28
C MET B 121 16.98 15.15 29.21
N THR B 122 16.27 15.93 28.39
CA THR B 122 16.93 16.65 27.32
C THR B 122 17.96 17.64 27.85
N VAL B 123 17.75 18.17 29.05
CA VAL B 123 18.64 19.17 29.63
C VAL B 123 19.66 18.55 30.57
N ASN B 124 19.26 17.55 31.36
CA ASN B 124 20.15 16.90 32.33
C ASN B 124 19.98 15.38 32.23
N GLY B 125 20.39 14.83 31.08
CA GLY B 125 20.20 13.42 30.79
C GLY B 125 20.71 12.43 31.82
N LEU B 126 19.81 11.62 32.37
CA LEU B 126 20.14 10.52 33.29
C LEU B 126 20.83 11.02 34.56
N GLU B 127 20.44 12.21 35.01
CA GLU B 127 21.02 12.78 36.21
C GLU B 127 19.99 12.87 37.34
N ARG B 128 19.65 14.09 37.74
CA ARG B 128 18.66 14.29 38.81
C ARG B 128 18.02 15.67 38.71
N GLY B 135 12.27 20.26 34.66
CA GLY B 135 10.99 19.62 34.38
C GLY B 135 9.85 20.63 34.41
N ALA B 136 9.91 21.55 35.37
CA ALA B 136 8.83 22.50 35.56
C ALA B 136 8.78 23.51 34.41
N TYR B 137 7.62 24.15 34.28
CA TYR B 137 7.41 25.16 33.25
C TYR B 137 8.08 26.47 33.66
N ARG B 138 8.13 27.41 32.72
CA ARG B 138 8.82 28.67 32.98
C ARG B 138 8.04 29.53 33.96
N SER B 139 8.78 30.23 34.82
CA SER B 139 8.21 31.22 35.72
C SER B 139 8.57 32.64 35.28
N HIS B 140 9.06 32.80 34.05
CA HIS B 140 9.45 34.10 33.51
C HIS B 140 8.70 34.37 32.22
N GLY B 141 9.34 35.00 31.25
CA GLY B 141 8.62 35.33 30.03
C GLY B 141 9.45 35.33 28.76
N VAL B 142 8.88 35.91 27.71
CA VAL B 142 9.57 36.01 26.43
C VAL B 142 10.82 36.88 26.58
N SER B 143 11.91 36.45 25.97
CA SER B 143 13.14 37.23 25.97
C SER B 143 13.20 38.13 24.75
N SER B 147 9.85 37.26 17.62
CA SER B 147 9.43 37.58 16.25
C SER B 147 8.26 38.54 16.27
N THR B 148 7.25 38.25 15.45
CA THR B 148 5.94 38.87 15.56
C THR B 148 4.97 38.00 16.35
N HIS B 149 5.51 37.20 17.27
CA HIS B 149 4.72 36.37 18.16
C HIS B 149 5.24 36.55 19.58
N LEU B 150 4.32 36.74 20.52
CA LEU B 150 4.66 36.87 21.94
C LEU B 150 4.27 35.59 22.66
N PRO B 151 5.23 34.82 23.18
CA PRO B 151 4.88 33.66 24.00
C PRO B 151 3.93 34.06 25.12
N PRO B 152 2.94 33.22 25.42
CA PRO B 152 1.93 33.58 26.42
C PRO B 152 2.53 33.78 27.79
N GLU B 153 1.72 34.36 28.69
CA GLU B 153 2.16 34.60 30.05
C GLU B 153 2.46 33.28 30.76
N PHE B 154 3.43 33.33 31.68
CA PHE B 154 3.87 32.12 32.37
C PHE B 154 2.76 31.51 33.21
N ILE B 155 1.78 32.30 33.66
CA ILE B 155 0.66 31.74 34.40
C ILE B 155 -0.34 31.06 33.49
N HIS B 156 -0.40 31.45 32.21
CA HIS B 156 -1.28 30.78 31.24
C HIS B 156 -0.69 29.47 30.74
N VAL B 157 0.61 29.25 30.92
CA VAL B 157 1.27 28.12 30.27
C VAL B 157 0.72 26.77 30.74
N PRO B 158 0.54 26.50 32.04
CA PRO B 158 -0.04 25.20 32.43
C PRO B 158 -1.38 24.93 31.79
N ALA B 159 -2.20 25.95 31.58
CA ALA B 159 -3.49 25.75 30.93
C ALA B 159 -3.32 25.36 29.47
N TYR B 160 -2.37 25.99 28.77
CA TYR B 160 -2.10 25.64 27.38
C TYR B 160 -1.55 24.23 27.26
N MET B 161 -0.61 23.86 28.15
CA MET B 161 -0.05 22.52 28.12
C MET B 161 -1.12 21.47 28.34
N GLN B 162 -2.02 21.71 29.29
CA GLN B 162 -3.13 20.79 29.51
C GLN B 162 -4.08 20.78 28.31
N GLU B 163 -4.29 21.93 27.69
CA GLU B 163 -5.12 21.98 26.49
C GLU B 163 -4.47 21.23 25.33
N LEU B 164 -3.14 21.28 25.25
CA LEU B 164 -2.45 20.60 24.15
C LEU B 164 -2.43 19.09 24.37
N VAL B 165 -2.07 18.65 25.59
CA VAL B 165 -1.95 17.23 25.88
C VAL B 165 -3.29 16.53 25.66
N GLY B 166 -4.38 17.13 26.14
CA GLY B 166 -5.69 16.57 25.88
C GLY B 166 -6.07 16.58 24.41
N PHE B 167 -5.48 17.49 23.64
CA PHE B 167 -5.78 17.56 22.22
C PHE B 167 -5.16 16.39 21.46
N MET B 168 -3.90 16.08 21.74
CA MET B 168 -3.25 14.96 21.06
C MET B 168 -3.82 13.63 21.51
N ASN B 169 -4.33 13.54 22.74
CA ASN B 169 -4.83 12.29 23.28
C ASN B 169 -6.33 12.10 23.07
N ARG B 170 -6.99 13.02 22.38
CA ARG B 170 -8.39 12.83 22.04
C ARG B 170 -8.55 11.65 21.07
N ALA B 171 -9.66 10.95 21.19
CA ALA B 171 -9.91 9.78 20.36
C ALA B 171 -10.50 10.18 19.02
N ASP B 172 -9.89 11.14 18.35
CA ASP B 172 -10.34 11.56 17.03
C ASP B 172 -10.01 10.48 16.00
N ALA B 173 -10.57 10.64 14.81
CA ALA B 173 -10.43 9.63 13.77
C ALA B 173 -8.96 9.52 13.34
N PRO B 174 -8.48 8.31 13.03
CA PRO B 174 -7.07 8.15 12.63
C PRO B 174 -6.68 8.95 11.39
N LYS B 175 -7.64 9.46 10.62
CA LYS B 175 -7.30 10.33 9.50
C LYS B 175 -6.70 11.63 10.00
N TYR B 176 -7.04 12.06 11.21
CA TYR B 176 -6.54 13.28 11.81
C TYR B 176 -5.20 13.10 12.52
N ASP B 177 -4.64 11.89 12.51
CA ASP B 177 -3.44 11.62 13.31
C ASP B 177 -2.25 12.42 12.82
N LEU B 178 -2.10 12.56 11.51
CA LEU B 178 -0.93 13.24 10.96
C LEU B 178 -1.10 14.75 10.95
N MET B 179 -2.33 15.24 10.75
CA MET B 179 -2.61 16.66 10.96
C MET B 179 -2.35 17.04 12.41
N LYS B 180 -2.59 16.11 13.34
CA LYS B 180 -2.30 16.38 14.76
C LYS B 180 -0.82 16.56 15.01
N VAL B 181 0.01 15.71 14.38
CA VAL B 181 1.46 15.81 14.57
C VAL B 181 1.95 17.20 14.16
N ALA B 182 1.39 17.75 13.08
CA ALA B 182 1.80 19.07 12.64
C ALA B 182 1.27 20.16 13.57
N LEU B 183 -0.02 20.09 13.92
CA LEU B 183 -0.61 21.11 14.78
C LEU B 183 0.03 21.10 16.16
N ALA B 184 0.36 19.91 16.69
CA ALA B 184 0.99 19.83 17.99
C ALA B 184 2.40 20.40 17.97
N HIS B 185 3.12 20.21 16.86
CA HIS B 185 4.48 20.72 16.75
C HIS B 185 4.51 22.23 16.84
N HIS B 186 3.64 22.91 16.09
CA HIS B 186 3.62 24.36 16.13
C HIS B 186 3.05 24.87 17.45
N ARG B 187 1.99 24.23 17.95
CA ARG B 187 1.36 24.70 19.19
C ARG B 187 2.33 24.62 20.37
N PHE B 188 3.18 23.59 20.39
CA PHE B 188 4.18 23.47 21.45
C PHE B 188 5.11 24.67 21.45
N GLY B 189 5.73 24.97 20.31
CA GLY B 189 6.59 26.13 20.22
C GLY B 189 5.86 27.44 20.37
N TRP B 190 4.59 27.47 19.94
CA TRP B 190 3.76 28.67 20.13
C TRP B 190 3.49 28.92 21.60
N ILE B 191 3.52 27.87 22.42
CA ILE B 191 3.35 28.05 23.86
C ILE B 191 4.66 28.45 24.53
N HIS B 192 5.77 27.88 24.06
CA HIS B 192 7.08 28.06 24.67
C HIS B 192 7.02 27.69 26.16
N PRO B 193 6.75 26.43 26.48
CA PRO B 193 6.38 26.10 27.87
C PRO B 193 7.54 26.15 28.85
N PHE B 194 8.75 25.83 28.43
CA PHE B 194 9.89 25.71 29.33
C PHE B 194 10.82 26.90 29.17
N GLY B 195 11.75 27.02 30.12
CA GLY B 195 12.75 28.07 30.09
C GLY B 195 13.69 27.92 28.91
N ASN B 196 14.32 26.75 28.80
CA ASN B 196 15.17 26.44 27.66
C ASN B 196 14.88 25.00 27.22
N GLY B 197 15.40 24.65 26.04
CA GLY B 197 15.22 23.31 25.53
C GLY B 197 13.91 23.05 24.81
N ASN B 198 13.20 24.10 24.42
CA ASN B 198 11.93 23.90 23.72
C ASN B 198 12.13 23.29 22.34
N GLY B 199 13.14 23.77 21.60
CA GLY B 199 13.41 23.22 20.28
C GLY B 199 13.76 21.75 20.31
N ARG B 200 14.64 21.36 21.24
CA ARG B 200 14.99 19.95 21.36
C ARG B 200 13.83 19.11 21.86
N THR B 201 12.96 19.69 22.69
CA THR B 201 11.83 18.92 23.23
C THR B 201 10.72 18.74 22.22
N VAL B 202 10.41 19.79 21.45
CA VAL B 202 9.34 19.69 20.46
C VAL B 202 9.69 18.67 19.38
N ARG B 203 10.99 18.51 19.09
CA ARG B 203 11.39 17.49 18.12
C ARG B 203 11.26 16.10 18.70
N LEU B 204 11.57 15.94 19.99
CA LEU B 204 11.37 14.66 20.65
C LEU B 204 9.88 14.34 20.78
N LEU B 205 9.05 15.36 21.00
CA LEU B 205 7.62 15.13 21.08
C LEU B 205 7.04 14.73 19.73
N THR B 206 7.53 15.34 18.65
CA THR B 206 7.12 14.92 17.31
C THR B 206 7.52 13.47 17.05
N TYR B 207 8.68 13.06 17.55
CA TYR B 207 9.11 11.68 17.37
C TYR B 207 8.20 10.71 18.10
N SER B 208 7.81 11.04 19.34
CA SER B 208 6.90 10.17 20.08
C SER B 208 5.53 10.11 19.42
N LEU B 209 5.05 11.23 18.89
CA LEU B 209 3.78 11.23 18.19
C LEU B 209 3.86 10.37 16.92
N LEU B 210 5.01 10.40 16.24
CA LEU B 210 5.19 9.55 15.07
C LEU B 210 5.16 8.08 15.45
N ILE B 211 5.82 7.71 16.55
CA ILE B 211 5.80 6.33 17.01
C ILE B 211 4.40 5.94 17.47
N LYS B 212 3.72 6.86 18.18
CA LYS B 212 2.41 6.54 18.75
C LYS B 212 1.38 6.27 17.66
N TYR B 213 1.39 7.05 16.59
CA TYR B 213 0.38 6.94 15.55
C TYR B 213 0.66 5.82 14.56
N GLY B 214 1.76 5.08 14.73
CA GLY B 214 1.95 3.84 13.99
C GLY B 214 2.85 3.90 12.78
N PHE B 215 4.06 4.44 12.93
CA PHE B 215 5.04 4.42 11.85
C PHE B 215 6.23 3.52 12.15
N ASN B 216 6.35 2.98 13.36
CA ASN B 216 7.38 2.01 13.69
C ASN B 216 6.76 0.73 14.21
N LYS B 218 3.81 -1.14 13.39
CA LYS B 218 3.54 -2.29 12.54
C LYS B 218 4.60 -2.43 11.45
N SER B 220 8.43 -2.94 12.76
CA SER B 220 9.84 -2.90 13.18
C SER B 220 10.76 -2.98 11.97
N GLY B 221 10.60 -2.05 11.04
CA GLY B 221 11.41 -2.03 9.84
C GLY B 221 11.45 -0.69 9.15
N ARG B 222 11.53 0.38 9.93
CA ARG B 222 11.61 1.73 9.37
C ARG B 222 12.13 2.68 10.44
N VAL B 223 13.16 3.44 10.10
CA VAL B 223 13.73 4.44 11.01
C VAL B 223 13.09 5.79 10.71
N LEU B 224 12.83 6.56 11.75
CA LEU B 224 12.12 7.83 11.66
C LEU B 224 13.07 8.96 12.03
N ASN B 225 13.24 9.91 11.11
CA ASN B 225 14.15 11.04 11.30
C ASN B 225 13.37 12.34 11.14
N PRO B 226 12.64 12.78 12.18
CA PRO B 226 11.92 14.06 12.07
C PRO B 226 12.82 15.25 11.85
N THR B 227 14.00 15.29 12.46
CA THR B 227 14.89 16.44 12.28
C THR B 227 15.31 16.61 10.83
N ALA B 228 15.47 15.50 10.10
CA ALA B 228 15.85 15.57 8.69
C ALA B 228 14.84 16.36 7.86
N VAL B 229 13.60 16.48 8.33
CA VAL B 229 12.62 17.32 7.64
C VAL B 229 12.98 18.79 7.78
N PHE B 230 13.27 19.22 9.00
CA PHE B 230 13.57 20.62 9.28
C PHE B 230 15.05 20.95 9.12
N CYS B 231 15.94 19.97 9.22
CA CYS B 231 17.34 20.19 8.88
C CYS B 231 17.52 20.50 7.40
N ASN B 232 16.54 20.14 6.57
CA ASN B 232 16.63 20.37 5.13
C ASN B 232 16.75 21.85 4.82
N ASP B 233 15.71 22.63 5.14
CA ASP B 233 15.63 24.03 4.73
C ASP B 233 15.97 25.01 5.84
N ARG B 234 15.51 24.76 7.07
CA ARG B 234 15.78 25.62 8.22
C ARG B 234 15.15 27.00 8.08
N GLU B 235 15.42 27.68 6.95
CA GLU B 235 14.82 29.00 6.72
C GLU B 235 13.33 28.89 6.44
N ARG B 236 12.93 27.91 5.62
CA ARG B 236 11.51 27.67 5.40
C ARG B 236 10.82 27.20 6.68
N TYR B 237 11.54 26.44 7.51
CA TYR B 237 11.00 25.91 8.75
C TYR B 237 10.47 27.03 9.64
N TYR B 238 11.32 28.03 9.93
CA TYR B 238 10.90 29.12 10.79
C TYR B 238 9.94 30.08 10.08
N SER B 239 10.11 30.25 8.77
CA SER B 239 9.20 31.12 8.03
C SER B 239 7.80 30.55 7.97
N MET B 240 7.66 29.22 7.96
CA MET B 240 6.34 28.61 8.03
C MET B 240 5.75 28.66 9.43
N LEU B 241 6.61 28.69 10.46
CA LEU B 241 6.13 28.85 11.83
C LEU B 241 5.50 30.22 12.04
N ALA B 242 6.03 31.25 11.36
CA ALA B 242 5.48 32.59 11.49
C ALA B 242 4.07 32.68 10.92
N GLU B 243 3.83 32.04 9.76
CA GLU B 243 2.50 32.04 9.18
C GLU B 243 1.50 31.33 10.08
N ALA B 244 1.94 30.33 10.83
CA ALA B 244 1.05 29.62 11.74
C ALA B 244 0.82 30.37 13.04
N ASP B 245 1.75 31.26 13.44
CA ASP B 245 1.54 32.05 14.65
C ASP B 245 0.29 32.91 14.57
N THR B 246 -0.10 33.32 13.36
CA THR B 246 -1.28 34.16 13.19
C THR B 246 -2.55 33.45 13.65
N GLY B 247 -2.56 32.12 13.62
CA GLY B 247 -3.76 31.38 13.91
C GLY B 247 -4.79 31.36 12.82
N ALA B 248 -4.58 32.11 11.74
CA ALA B 248 -5.50 32.10 10.62
C ALA B 248 -5.43 30.76 9.89
N VAL B 249 -6.54 30.40 9.24
CA VAL B 249 -6.64 29.09 8.60
C VAL B 249 -5.60 28.93 7.50
N GLU B 250 -5.35 30.01 6.75
CA GLU B 250 -4.38 29.93 5.66
C GLU B 250 -2.98 29.64 6.17
N GLY B 251 -2.57 30.31 7.25
CA GLY B 251 -1.24 30.09 7.78
C GLY B 251 -1.06 28.72 8.40
N LEU B 252 -2.09 28.21 9.08
CA LEU B 252 -2.01 26.89 9.67
C LEU B 252 -1.99 25.80 8.60
N GLU B 253 -2.80 25.98 7.55
CA GLU B 253 -2.82 24.99 6.47
C GLU B 253 -1.48 24.93 5.75
N GLN B 254 -0.85 26.08 5.53
CA GLN B 254 0.46 26.10 4.89
C GLN B 254 1.52 25.44 5.76
N TRP B 255 1.34 25.46 7.07
CA TRP B 255 2.27 24.77 7.96
C TRP B 255 2.10 23.26 7.89
N CYS B 256 0.84 22.80 7.92
CA CYS B 256 0.59 21.36 7.83
C CYS B 256 1.02 20.79 6.49
N LEU B 257 0.93 21.59 5.42
CA LEU B 257 1.40 21.12 4.12
C LEU B 257 2.92 21.01 4.10
N TYR B 258 3.62 21.97 4.71
CA TYR B 258 5.07 21.91 4.75
C TYR B 258 5.55 20.70 5.56
N VAL B 259 4.90 20.43 6.69
CA VAL B 259 5.33 19.33 7.56
C VAL B 259 5.03 17.99 6.92
N LEU B 260 3.80 17.80 6.45
CA LEU B 260 3.38 16.47 6.03
C LEU B 260 4.06 16.04 4.74
N THR B 261 4.30 16.98 3.82
CA THR B 261 5.08 16.64 2.64
C THR B 261 6.54 16.40 2.98
N GLY B 262 7.07 17.13 3.96
CA GLY B 262 8.43 16.85 4.41
C GLY B 262 8.57 15.49 5.05
N ILE B 263 7.55 15.07 5.81
CA ILE B 263 7.56 13.73 6.39
C ILE B 263 7.44 12.69 5.29
N SER B 264 6.65 12.98 4.26
CA SER B 264 6.50 12.04 3.14
C SER B 264 7.83 11.82 2.43
N ALA B 265 8.55 12.91 2.15
CA ALA B 265 9.83 12.78 1.47
C ALA B 265 10.87 12.06 2.33
N GLU B 266 10.74 12.15 3.65
CA GLU B 266 11.71 11.51 4.53
C GLU B 266 11.50 10.00 4.58
N LEU B 267 10.25 9.57 4.72
CA LEU B 267 9.97 8.13 4.70
C LEU B 267 10.23 7.53 3.32
N LYS B 268 10.21 8.35 2.27
CA LYS B 268 10.65 7.88 0.95
C LYS B 268 12.08 7.39 0.99
N LYS B 269 12.96 8.14 1.66
CA LYS B 269 14.38 7.81 1.67
C LYS B 269 14.68 6.65 2.60
N VAL B 270 14.15 6.68 3.82
CA VAL B 270 14.49 5.67 4.82
C VAL B 270 13.90 4.31 4.49
N ASP B 271 12.84 4.26 3.68
CA ASP B 271 12.22 2.98 3.36
C ASP B 271 13.08 2.14 2.43
N LYS B 272 14.07 2.75 1.78
CA LYS B 272 14.99 1.96 0.96
C LYS B 272 15.84 1.02 1.81
N LEU B 273 16.21 1.45 3.02
CA LEU B 273 16.95 0.59 3.94
C LEU B 273 16.14 -0.62 4.39
N SER B 274 14.83 -0.63 4.13
CA SER B 274 14.02 -1.80 4.44
C SER B 274 14.25 -2.92 3.43
N ASP B 275 14.60 -2.58 2.19
CA ASP B 275 14.89 -3.59 1.17
C ASP B 275 16.24 -4.22 1.46
N LEU B 276 16.27 -5.54 1.59
CA LEU B 276 17.51 -6.23 1.93
C LEU B 276 18.57 -6.03 0.86
N HIS B 277 18.17 -6.01 -0.42
CA HIS B 277 19.13 -5.83 -1.49
C HIS B 277 19.76 -4.44 -1.43
N PHE B 278 18.95 -3.40 -1.23
CA PHE B 278 19.49 -2.05 -1.12
C PHE B 278 20.42 -1.92 0.08
N LEU B 279 20.02 -2.49 1.23
CA LEU B 279 20.83 -2.38 2.44
C LEU B 279 22.18 -3.07 2.26
N ASN B 280 22.16 -4.31 1.79
CA ASN B 280 23.39 -5.08 1.65
C ASN B 280 24.30 -4.46 0.60
N SER B 281 23.75 -4.12 -0.57
CA SER B 281 24.59 -3.72 -1.69
C SER B 281 25.07 -2.27 -1.57
N LYS B 282 24.28 -1.39 -0.96
CA LYS B 282 24.63 0.03 -0.93
C LYS B 282 25.07 0.52 0.45
N VAL B 283 24.95 -0.29 1.49
CA VAL B 283 25.34 0.12 2.83
C VAL B 283 26.31 -0.88 3.45
N LEU B 284 25.82 -2.09 3.71
CA LEU B 284 26.56 -3.03 4.55
C LEU B 284 27.82 -3.54 3.86
N TYR B 285 27.68 -4.05 2.63
CA TYR B 285 28.84 -4.59 1.93
C TYR B 285 29.86 -3.51 1.59
N PRO B 286 29.46 -2.32 1.11
CA PRO B 286 30.47 -1.26 0.95
C PRO B 286 31.10 -0.84 2.26
N ALA B 287 30.38 -0.95 3.38
CA ALA B 287 30.93 -0.56 4.67
C ALA B 287 32.18 -1.38 5.01
N LEU B 288 32.14 -2.69 4.74
CA LEU B 288 33.31 -3.51 4.98
C LEU B 288 34.43 -3.19 4.01
N GLU B 289 34.10 -3.01 2.73
CA GLU B 289 35.11 -2.65 1.74
C GLU B 289 35.79 -1.34 2.13
N TYR B 290 35.03 -0.39 2.66
CA TYR B 290 35.64 0.80 3.25
C TYR B 290 36.53 0.41 4.43
N SER B 291 35.99 -0.39 5.35
CA SER B 291 36.75 -0.77 6.53
C SER B 291 38.00 -1.57 6.16
N LYS B 292 37.90 -2.43 5.15
CA LYS B 292 39.07 -3.17 4.71
C LYS B 292 40.06 -2.25 4.00
N GLY B 293 39.57 -1.30 3.22
CA GLY B 293 40.45 -0.35 2.56
C GLY B 293 41.25 0.48 3.53
N ARG B 294 40.71 0.72 4.72
CA ARG B 294 41.38 1.51 5.75
C ARG B 294 42.17 0.63 6.72
N GLY B 295 42.38 -0.64 6.40
CA GLY B 295 43.12 -1.52 7.27
C GLY B 295 42.45 -1.85 8.58
N VAL B 296 41.16 -1.56 8.71
CA VAL B 296 40.45 -1.89 9.95
C VAL B 296 40.30 -3.40 10.09
N ILE B 297 40.05 -4.09 8.97
CA ILE B 297 39.92 -5.54 8.94
C ILE B 297 40.81 -6.08 7.82
N ASN B 298 41.33 -7.29 8.04
CA ASN B 298 42.10 -7.96 7.01
C ASN B 298 41.16 -8.76 6.11
N GLU B 299 41.72 -9.57 5.21
CA GLU B 299 40.88 -10.33 4.28
C GLU B 299 40.20 -11.50 4.97
N THR B 300 40.87 -12.15 5.92
CA THR B 300 40.23 -13.21 6.68
C THR B 300 39.05 -12.69 7.48
N GLU B 301 39.19 -11.49 8.06
CA GLU B 301 38.09 -10.89 8.81
C GLU B 301 37.01 -10.38 7.87
N SER B 302 37.37 -9.94 6.66
CA SER B 302 36.37 -9.53 5.70
C SER B 302 35.55 -10.71 5.22
N LYS B 303 36.20 -11.86 4.99
CA LYS B 303 35.49 -13.05 4.56
C LYS B 303 34.47 -13.49 5.61
N ILE B 304 34.87 -13.50 6.88
CA ILE B 304 33.97 -13.92 7.95
C ILE B 304 32.81 -12.93 8.09
N LEU B 305 33.10 -11.64 8.02
CA LEU B 305 32.05 -10.64 8.17
C LEU B 305 31.13 -10.60 6.96
N LYS B 306 31.65 -10.93 5.77
CA LYS B 306 30.80 -11.00 4.59
C LYS B 306 29.78 -12.12 4.72
N ARG B 307 30.19 -13.26 5.28
CA ARG B 307 29.25 -14.36 5.52
C ARG B 307 28.19 -13.97 6.53
N THR B 308 28.55 -13.13 7.51
CA THR B 308 27.59 -12.75 8.55
C THR B 308 26.44 -11.93 7.97
N ILE B 309 26.74 -10.97 7.11
CA ILE B 309 25.69 -10.14 6.52
C ILE B 309 24.81 -10.96 5.58
N SER B 310 25.39 -11.96 4.91
CA SER B 310 24.60 -12.82 4.04
C SER B 310 23.62 -13.68 4.84
N GLN B 311 24.15 -14.44 5.82
CA GLN B 311 23.31 -15.34 6.60
C GLN B 311 22.59 -14.67 7.75
N GLY B 312 22.98 -13.45 8.12
CA GLY B 312 22.37 -12.80 9.27
C GLY B 312 23.21 -13.01 10.52
N THR B 313 23.44 -14.27 10.86
CA THR B 313 24.32 -14.68 11.95
C THR B 313 25.38 -15.63 11.39
N VAL B 314 26.24 -16.12 12.28
CA VAL B 314 27.32 -17.02 11.88
C VAL B 314 27.81 -17.79 13.10
N LYS B 315 28.28 -19.01 12.87
CA LYS B 315 28.94 -19.83 13.87
C LYS B 315 30.39 -20.07 13.46
N THR B 316 31.19 -20.53 14.41
CA THR B 316 32.55 -20.94 14.08
C THR B 316 32.55 -22.18 13.19
N SER B 317 31.61 -23.10 13.45
CA SER B 317 31.48 -24.32 12.65
C SER B 317 30.95 -24.04 11.24
N ASP B 318 30.60 -22.80 10.92
CA ASP B 318 30.15 -22.46 9.57
C ASP B 318 31.28 -22.08 8.64
N LEU B 319 32.45 -21.76 9.18
CA LEU B 319 33.56 -21.21 8.41
C LEU B 319 34.58 -22.27 7.99
N LYS B 320 34.26 -23.55 8.17
CA LYS B 320 35.19 -24.60 7.75
C LYS B 320 35.43 -24.58 6.26
N GLU B 321 34.44 -24.14 5.47
CA GLU B 321 34.56 -24.12 4.02
C GLU B 321 34.85 -22.73 3.45
N VAL B 322 34.44 -21.67 4.15
CA VAL B 322 34.77 -20.32 3.66
C VAL B 322 36.22 -19.96 3.93
N LEU B 323 36.90 -20.72 4.81
CA LEU B 323 38.33 -20.57 5.05
C LEU B 323 38.95 -21.96 4.99
N PRO B 324 39.09 -22.53 3.80
CA PRO B 324 39.54 -23.93 3.70
C PRO B 324 41.03 -24.11 3.87
N GLY B 325 41.83 -23.07 3.70
CA GLY B 325 43.26 -23.16 3.93
C GLY B 325 43.69 -22.93 5.35
N LEU B 326 42.75 -22.66 6.25
CA LEU B 326 43.04 -22.38 7.65
C LEU B 326 42.81 -23.63 8.49
N LYS B 327 43.72 -23.88 9.44
CA LYS B 327 43.52 -24.95 10.38
C LYS B 327 42.36 -24.62 11.31
N PRO B 328 41.68 -25.64 11.86
CA PRO B 328 40.52 -25.37 12.72
C PRO B 328 40.83 -24.46 13.90
N ALA B 329 42.00 -24.61 14.52
CA ALA B 329 42.36 -23.72 15.62
C ALA B 329 42.53 -22.28 15.13
N GLN B 330 43.01 -22.10 13.90
CA GLN B 330 43.16 -20.74 13.36
C GLN B 330 41.81 -20.08 13.19
N ILE B 331 40.79 -20.83 12.78
CA ILE B 331 39.46 -20.26 12.60
C ILE B 331 38.89 -19.81 13.95
N THR B 332 39.10 -20.61 14.99
CA THR B 332 38.59 -20.25 16.32
C THR B 332 39.29 -18.99 16.83
N TYR B 333 40.59 -18.85 16.55
CA TYR B 333 41.30 -17.64 16.94
C TYR B 333 40.74 -16.41 16.23
N GLN B 334 40.31 -16.59 14.97
CA GLN B 334 39.78 -15.45 14.21
C GLN B 334 38.44 -14.99 14.77
N ILE B 335 37.61 -15.92 15.24
CA ILE B 335 36.33 -15.54 15.84
C ILE B 335 36.55 -14.79 17.15
N GLY B 336 37.48 -15.27 17.97
CA GLY B 336 37.77 -14.58 19.23
C GLY B 336 38.31 -13.19 19.02
N LYS B 337 39.13 -13.00 17.98
CA LYS B 337 39.65 -11.67 17.67
C LYS B 337 38.53 -10.72 17.27
N LEU B 338 37.54 -11.22 16.52
CA LEU B 338 36.45 -10.36 16.06
C LEU B 338 35.52 -9.98 17.20
N VAL B 339 35.27 -10.90 18.12
CA VAL B 339 34.35 -10.63 19.22
C VAL B 339 34.97 -9.67 20.22
N ASP B 340 36.25 -9.86 20.55
CA ASP B 340 36.92 -8.96 21.49
C ASP B 340 36.97 -7.53 20.95
N ARG B 341 37.10 -7.37 19.64
CA ARG B 341 37.06 -6.05 19.03
C ARG B 341 35.65 -5.52 18.83
N GLY B 342 34.64 -6.33 19.12
CA GLY B 342 33.26 -5.93 18.92
C GLY B 342 32.79 -5.98 17.48
N LEU B 343 33.65 -6.40 16.54
CA LEU B 343 33.22 -6.52 15.14
C LEU B 343 32.16 -7.60 15.00
N LEU B 344 32.32 -8.71 15.73
CA LEU B 344 31.28 -9.70 15.90
C LEU B 344 30.73 -9.59 17.32
N GLN B 345 29.41 -9.68 17.45
CA GLN B 345 28.80 -9.62 18.78
C GLN B 345 27.80 -10.75 18.93
N PRO B 346 27.68 -11.32 20.14
CA PRO B 346 26.77 -12.46 20.33
C PRO B 346 25.32 -12.01 20.31
N VAL B 347 24.47 -12.89 19.76
CA VAL B 347 23.05 -12.58 19.64
C VAL B 347 22.38 -12.55 21.01
N GLU B 348 22.77 -13.48 21.90
CA GLU B 348 22.22 -13.57 23.23
C GLU B 348 23.36 -13.53 24.25
N VAL B 349 23.00 -13.23 25.50
CA VAL B 349 23.97 -13.24 26.57
C VAL B 349 24.48 -14.66 26.77
N GLY B 350 25.78 -14.87 26.56
CA GLY B 350 26.37 -16.18 26.68
C GLY B 350 26.24 -17.06 25.46
N SER B 351 25.76 -16.52 24.35
CA SER B 351 25.60 -17.30 23.13
C SER B 351 26.88 -17.29 22.32
N ARG B 352 27.15 -18.43 21.66
CA ARG B 352 28.24 -18.53 20.69
C ARG B 352 27.73 -18.41 19.25
N ILE B 353 26.57 -17.81 19.07
CA ILE B 353 26.08 -17.40 17.75
C ILE B 353 26.26 -15.89 17.64
N TYR B 354 26.92 -15.45 16.57
CA TYR B 354 27.37 -14.07 16.47
C TYR B 354 26.75 -13.38 15.25
N THR B 355 26.55 -12.08 15.39
CA THR B 355 26.13 -11.20 14.30
C THR B 355 27.14 -10.07 14.18
N ALA B 356 26.97 -9.25 13.15
CA ALA B 356 27.90 -8.16 12.91
C ALA B 356 27.72 -7.04 13.94
N GLY B 357 28.82 -6.38 14.28
CA GLY B 357 28.78 -5.27 15.19
C GLY B 357 28.91 -3.94 14.48
N PHE B 358 27.77 -3.38 14.05
CA PHE B 358 27.77 -2.15 13.29
C PHE B 358 27.57 -0.91 14.13
N SER B 359 26.90 -1.03 15.27
CA SER B 359 26.49 0.14 16.04
C SER B 359 27.53 0.62 17.05
N LYS B 360 28.40 -0.28 17.53
CA LYS B 360 29.35 0.08 18.58
C LYS B 360 30.79 -0.29 18.26
N SER B 361 31.10 -0.62 17.01
CA SER B 361 32.45 -1.00 16.62
C SER B 361 32.95 -0.08 15.50
N ASP B 362 34.17 -0.37 15.03
CA ASP B 362 34.77 0.45 13.98
C ASP B 362 34.05 0.32 12.65
N LEU B 363 33.21 -0.72 12.48
CA LEU B 363 32.39 -0.83 11.29
C LEU B 363 31.35 0.28 11.19
N MET B 364 31.12 1.04 12.27
CA MET B 364 30.17 2.14 12.22
C MET B 364 30.63 3.23 11.27
N ARG B 365 31.95 3.49 11.22
CA ARG B 365 32.47 4.49 10.30
C ARG B 365 32.21 4.09 8.84
N GLY B 366 32.40 2.82 8.52
CA GLY B 366 32.10 2.35 7.17
C GLY B 366 30.63 2.44 6.84
N VAL B 367 29.77 2.24 7.82
CA VAL B 367 28.33 2.36 7.59
C VAL B 367 27.94 3.82 7.40
N ILE B 368 28.48 4.71 8.23
CA ILE B 368 28.23 6.14 8.07
C ILE B 368 28.74 6.62 6.71
N HIS B 369 29.89 6.09 6.28
CA HIS B 369 30.43 6.45 4.97
C HIS B 369 29.46 6.04 3.86
N ALA B 370 28.96 4.81 3.92
CA ALA B 370 27.99 4.36 2.91
C ALA B 370 26.69 5.14 3.02
N LEU B 371 26.23 5.40 4.24
CA LEU B 371 25.02 6.21 4.43
C LEU B 371 25.22 7.63 3.94
N ARG B 372 26.43 8.17 4.07
CA ARG B 372 26.72 9.52 3.58
C ARG B 372 26.69 9.56 2.05
N LYS B 373 27.38 8.61 1.41
CA LYS B 373 27.42 8.58 -0.05
C LYS B 373 26.06 8.29 -0.65
N GLU B 374 25.25 7.47 0.00
CA GLU B 374 23.89 7.20 -0.47
C GLU B 374 22.93 8.33 -0.16
N GLY B 375 23.39 9.40 0.48
CA GLY B 375 22.56 10.58 0.68
C GLY B 375 21.62 10.54 1.87
N PHE B 376 22.06 9.98 3.00
CA PHE B 376 21.27 9.98 4.21
C PHE B 376 21.79 10.93 5.28
N ILE B 377 23.03 11.40 5.16
CA ILE B 377 23.67 12.20 6.19
C ILE B 377 24.12 13.53 5.61
N PRO B 378 23.48 14.65 5.98
CA PRO B 378 23.97 15.97 5.55
C PRO B 378 25.45 16.17 5.84
N ASP B 379 25.80 16.28 7.11
CA ASP B 379 27.19 16.46 7.51
C ASP B 379 27.49 15.78 8.84
#